data_5CX8
#
_entry.id   5CX8
#
_cell.length_a   56.640
_cell.length_b   184.740
_cell.length_c   144.310
_cell.angle_alpha   90.00
_cell.angle_beta   90.00
_cell.angle_gamma   90.00
#
_symmetry.space_group_name_H-M   'P 21 21 2'
#
loop_
_entity.id
_entity.type
_entity.pdbx_description
1 polymer 'Lipoprotein RagB'
2 non-polymer 3-deoxy-beta-D-glucopyranose
3 non-polymer 6-O-phosphono-D-tagatose
4 non-polymer GLYCEROL
5 non-polymer 'ACETATE ION'
6 non-polymer 3-deoxy-5-O-phosphono-beta-D-ribofuranose
7 water water
#
_entity_poly.entity_id   1
_entity_poly.type   'polypeptide(L)'
_entity_poly.pdbx_seq_one_letter_code
;ELDRDPEGKDFQQPYTSFVQTKQNRDGLYALLRNTENPR(MSE)HFYQELQSD(MSE)YCTTITDGNSLAPFVNWDLGIL
NDHGRADEDEVSGIAGYYFVYNRLNQQANAFVNNTEAALQNQVYKNSTEIANAKSFLAEGKVLQALAIWRL(MSE)DRFS
FHESVTEVNSGAKDLGVILLKEYNPGYIGPRATKAQCYDYILSRLSEAIEVLPENRESVLYVSRDYAYALRARIYLALGE
YGKAAADAK(MSE)VVDKYPLIGAADASEFENIYRSDANNPEIIFRGFASATLGSFTATTLNGAAPAGKDIKYNPSAVPF
QWVVDLYENEDFRKSVYIAKVVKKDKGYLVNKFLEDKAYRDVQDKPNLKVGARYFSVAEVYLILVESALQTGDTPTAEKY
LKALSKARGAEVSVVN(MSE)EALQAERTRELIGEGSRLRD(MSE)VRWSIPNNHDAFETQPGLEGFANTTPLKAQAPVG
FYAYTWEFPQRDRQTNPQLIKNWPI
;
_entity_poly.pdbx_strand_id   A,B
#
loop_
_chem_comp.id
_chem_comp.type
_chem_comp.name
_chem_comp.formula
3DO D-saccharide, beta linking 3-deoxy-beta-D-glucopyranose 'C6 H12 O5'
ACT non-polymer 'ACETATE ION' 'C2 H3 O2 -1'
GOL non-polymer GLYCEROL 'C3 H8 O3'
RP3 D-saccharide, beta linking 3-deoxy-5-O-phosphono-beta-D-ribofuranose 'C5 H11 O7 P'
TG6 non-polymer 6-O-phosphono-D-tagatose 'C6 H13 O9 P'
#
# COMPACT_ATOMS: atom_id res chain seq x y z
N ASP A 10 6.33 -31.48 35.05
CA ASP A 10 7.47 -31.18 34.18
C ASP A 10 8.67 -32.13 34.47
N PHE A 11 8.43 -33.28 35.14
CA PHE A 11 9.46 -34.26 35.47
C PHE A 11 9.64 -35.29 34.35
N GLN A 12 10.62 -36.19 34.51
CA GLN A 12 10.87 -37.24 33.53
C GLN A 12 10.18 -38.55 33.94
N GLN A 13 9.47 -38.55 35.09
CA GLN A 13 8.77 -39.75 35.58
C GLN A 13 7.33 -39.83 35.04
N PRO A 14 6.96 -40.95 34.36
CA PRO A 14 5.60 -41.07 33.79
C PRO A 14 4.51 -41.05 34.87
N TYR A 15 3.28 -40.80 34.42
CA TYR A 15 2.16 -40.68 35.33
C TYR A 15 1.66 -42.05 35.76
N THR A 16 1.19 -42.15 37.02
CA THR A 16 0.73 -43.41 37.62
C THR A 16 -0.81 -43.43 37.82
N SER A 17 -1.50 -42.31 37.60
CA SER A 17 -2.95 -42.22 37.74
C SER A 17 -3.51 -41.10 36.88
N PHE A 18 -4.84 -41.12 36.69
CA PHE A 18 -5.60 -40.13 35.95
C PHE A 18 -5.57 -38.77 36.65
N VAL A 19 -5.67 -38.77 37.99
CA VAL A 19 -5.64 -37.57 38.84
C VAL A 19 -4.30 -36.84 38.65
N GLN A 20 -3.18 -37.58 38.68
CA GLN A 20 -1.84 -37.03 38.46
C GLN A 20 -1.75 -36.38 37.05
N THR A 21 -2.27 -37.07 36.03
CA THR A 21 -2.32 -36.64 34.62
C THR A 21 -3.09 -35.30 34.49
N LYS A 22 -4.30 -35.22 35.07
CA LYS A 22 -5.17 -34.05 35.05
C LYS A 22 -4.53 -32.88 35.83
N GLN A 23 -3.84 -33.16 36.95
CA GLN A 23 -3.14 -32.11 37.73
C GLN A 23 -2.01 -31.46 36.92
N ASN A 24 -1.25 -32.27 36.15
CA ASN A 24 -0.16 -31.79 35.31
C ASN A 24 -0.68 -31.08 34.08
N ARG A 25 -1.88 -31.47 33.61
CA ARG A 25 -2.58 -30.83 32.50
C ARG A 25 -2.97 -29.40 32.95
N ASP A 26 -3.51 -29.27 34.16
CA ASP A 26 -3.86 -27.95 34.72
C ASP A 26 -2.61 -27.10 34.98
N GLY A 27 -1.47 -27.75 35.30
CA GLY A 27 -0.19 -27.08 35.46
C GLY A 27 0.30 -26.45 34.17
N LEU A 28 0.07 -27.17 33.03
CA LEU A 28 0.44 -26.74 31.69
C LEU A 28 -0.38 -25.50 31.24
N TYR A 29 -1.68 -25.44 31.60
CA TYR A 29 -2.55 -24.32 31.27
C TYR A 29 -2.20 -23.08 32.10
N ALA A 30 -1.74 -23.30 33.35
CA ALA A 30 -1.26 -22.24 34.24
C ALA A 30 0.01 -21.60 33.65
N LEU A 31 0.89 -22.39 33.05
CA LEU A 31 2.11 -21.93 32.39
C LEU A 31 1.77 -21.15 31.11
N LEU A 32 0.82 -21.67 30.30
CA LEU A 32 0.38 -21.09 29.03
C LEU A 32 -0.08 -19.64 29.22
N ARG A 33 -0.84 -19.39 30.29
CA ARG A 33 -1.38 -18.08 30.67
C ARG A 33 -0.30 -17.00 30.77
N ASN A 34 0.89 -17.38 31.29
CA ASN A 34 2.02 -16.45 31.46
C ASN A 34 2.98 -16.45 30.27
N THR A 35 2.70 -17.27 29.24
CA THR A 35 3.53 -17.41 28.05
C THR A 35 2.84 -16.80 26.84
N GLU A 36 1.67 -17.37 26.45
CA GLU A 36 0.84 -16.90 25.33
C GLU A 36 0.00 -15.73 25.90
N ASN A 37 0.72 -14.70 26.33
CA ASN A 37 0.25 -13.53 27.02
C ASN A 37 0.46 -12.26 26.15
N PRO A 38 -0.48 -11.27 26.17
CA PRO A 38 -0.29 -10.05 25.33
C PRO A 38 0.99 -9.27 25.64
N ARG A 39 1.56 -9.40 26.86
CA ARG A 39 2.81 -8.73 27.23
C ARG A 39 4.03 -9.25 26.42
N MSE A 40 3.98 -10.50 25.91
CA MSE A 40 5.06 -11.08 25.12
C MSE A 40 4.99 -10.64 23.67
O MSE A 40 6.00 -10.76 22.97
CB MSE A 40 5.09 -12.62 25.21
CG MSE A 40 5.51 -13.16 26.59
SE MSE A 40 7.22 -12.55 27.39
CE MSE A 40 8.21 -11.64 25.98
N HIS A 41 3.85 -10.11 23.22
CA HIS A 41 3.70 -9.73 21.81
C HIS A 41 3.72 -8.23 21.56
N PHE A 42 4.00 -7.42 22.60
CA PHE A 42 4.09 -5.96 22.46
C PHE A 42 5.38 -5.56 21.73
N TYR A 43 6.47 -6.36 21.83
CA TYR A 43 7.76 -6.07 21.17
C TYR A 43 7.62 -6.13 19.64
N GLN A 44 7.07 -7.24 19.10
CA GLN A 44 6.85 -7.34 17.66
C GLN A 44 5.82 -6.30 17.18
N GLU A 45 4.85 -5.95 18.03
CA GLU A 45 3.85 -4.91 17.80
C GLU A 45 4.50 -3.51 17.56
N LEU A 46 5.40 -3.11 18.46
CA LEU A 46 6.11 -1.84 18.43
C LEU A 46 7.15 -1.72 17.32
N GLN A 47 7.68 -2.84 16.83
CA GLN A 47 8.67 -2.90 15.74
C GLN A 47 8.02 -2.63 14.34
N SER A 48 6.68 -2.67 14.25
CA SER A 48 5.94 -2.42 13.01
C SER A 48 6.02 -0.93 12.61
N ASP A 49 5.30 -0.53 11.54
CA ASP A 49 5.31 0.84 11.00
C ASP A 49 4.18 1.72 11.59
N MSE A 50 3.60 1.34 12.74
CA MSE A 50 2.41 2.02 13.27
C MSE A 50 2.61 3.05 14.39
O MSE A 50 1.72 3.90 14.59
CB MSE A 50 1.45 0.97 13.77
CG MSE A 50 0.84 0.15 12.64
SE MSE A 50 -0.61 -1.00 13.25
CE MSE A 50 0.28 -1.93 14.75
N TYR A 51 3.73 2.98 15.12
CA TYR A 51 3.96 3.87 16.28
C TYR A 51 5.16 4.78 16.15
N CYS A 52 5.12 5.86 16.90
CA CYS A 52 6.28 6.72 17.18
C CYS A 52 6.45 6.69 18.69
N THR A 53 7.64 6.97 19.17
CA THR A 53 7.84 7.05 20.63
C THR A 53 7.36 8.41 21.15
N THR A 54 7.20 8.52 22.48
CA THR A 54 6.86 9.82 23.08
C THR A 54 8.06 10.23 23.96
N ILE A 55 7.99 11.41 24.59
CA ILE A 55 9.06 11.90 25.46
C ILE A 55 9.10 11.07 26.76
N THR A 56 7.99 10.36 27.09
CA THR A 56 7.87 9.46 28.27
C THR A 56 8.77 8.20 28.10
N ASP A 57 9.12 7.86 26.84
CA ASP A 57 9.98 6.73 26.58
C ASP A 57 11.42 7.02 26.99
N GLY A 58 11.96 6.13 27.80
CA GLY A 58 13.33 6.25 28.25
C GLY A 58 14.16 5.18 27.59
N ASN A 59 14.13 5.17 26.23
CA ASN A 59 14.83 4.20 25.38
C ASN A 59 14.37 2.73 25.70
N SER A 60 13.16 2.56 26.19
CA SER A 60 12.62 1.23 26.50
C SER A 60 11.91 0.62 25.27
N LEU A 61 11.04 1.37 24.61
CA LEU A 61 10.29 0.89 23.44
C LEU A 61 10.96 1.37 22.13
N ALA A 62 11.76 2.46 22.18
CA ALA A 62 12.51 3.03 21.04
C ALA A 62 13.36 1.99 20.27
N PRO A 63 14.05 0.99 20.91
CA PRO A 63 14.85 0.06 20.10
C PRO A 63 14.00 -0.70 19.06
N PHE A 64 12.75 -1.01 19.38
CA PHE A 64 11.83 -1.69 18.47
C PHE A 64 11.26 -0.70 17.46
N VAL A 65 10.76 0.46 17.95
CA VAL A 65 10.13 1.51 17.15
C VAL A 65 11.10 2.11 16.10
N ASN A 66 12.30 2.47 16.51
CA ASN A 66 13.28 3.10 15.65
C ASN A 66 14.33 2.12 15.04
N TRP A 67 14.11 0.80 15.21
CA TRP A 67 14.95 -0.26 14.67
C TRP A 67 16.41 -0.03 15.00
N ASP A 68 16.71 0.05 16.29
CA ASP A 68 18.05 0.19 16.83
C ASP A 68 18.65 -1.22 16.93
N LEU A 69 19.30 -1.66 15.85
CA LEU A 69 19.87 -2.98 15.64
C LEU A 69 20.91 -3.43 16.66
N GLY A 70 21.74 -2.51 17.16
CA GLY A 70 22.76 -2.75 18.17
C GLY A 70 22.18 -3.23 19.49
N ILE A 71 20.99 -2.69 19.87
CA ILE A 71 20.27 -3.06 21.09
C ILE A 71 19.43 -4.32 20.84
N LEU A 72 18.70 -4.37 19.71
CA LEU A 72 17.84 -5.52 19.33
C LEU A 72 18.63 -6.81 19.20
N ASN A 73 19.88 -6.73 18.78
CA ASN A 73 20.79 -7.87 18.58
C ASN A 73 20.76 -8.85 19.77
N ASP A 74 20.90 -8.32 21.03
CA ASP A 74 20.97 -9.08 22.29
C ASP A 74 19.91 -8.60 23.31
N HIS A 75 18.77 -8.13 22.82
CA HIS A 75 17.73 -7.53 23.64
C HIS A 75 17.07 -8.48 24.66
N GLY A 76 16.77 -7.92 25.83
CA GLY A 76 16.00 -8.55 26.88
C GLY A 76 16.75 -9.31 27.94
N ARG A 77 15.98 -9.95 28.83
CA ARG A 77 16.51 -10.73 29.95
C ARG A 77 15.71 -12.00 30.16
N ALA A 78 16.40 -13.01 30.67
CA ALA A 78 15.87 -14.33 31.00
C ALA A 78 16.68 -14.92 32.15
N ASP A 79 16.45 -14.36 33.35
CA ASP A 79 17.13 -14.79 34.57
C ASP A 79 16.09 -14.83 35.73
N GLU A 80 16.54 -15.21 36.95
CA GLU A 80 15.71 -15.36 38.14
C GLU A 80 15.04 -14.06 38.60
N ASP A 81 15.52 -12.90 38.11
CA ASP A 81 14.98 -11.61 38.48
C ASP A 81 14.10 -10.97 37.40
N GLU A 82 14.33 -11.30 36.11
CA GLU A 82 13.54 -10.74 35.01
C GLU A 82 13.50 -11.65 33.82
N VAL A 83 12.32 -11.72 33.19
CA VAL A 83 12.01 -12.40 31.94
C VAL A 83 11.29 -11.35 31.09
N SER A 84 12.02 -10.73 30.14
CA SER A 84 11.52 -9.63 29.30
C SER A 84 12.23 -9.58 27.94
N GLY A 85 11.66 -8.81 27.03
CA GLY A 85 12.21 -8.59 25.69
C GLY A 85 12.35 -9.83 24.82
N ILE A 86 13.22 -9.72 23.81
CA ILE A 86 13.52 -10.79 22.84
C ILE A 86 14.02 -12.05 23.58
N ALA A 87 14.94 -11.90 24.56
CA ALA A 87 15.47 -13.04 25.32
C ALA A 87 14.39 -13.71 26.17
N GLY A 88 13.47 -12.90 26.74
CA GLY A 88 12.35 -13.40 27.51
C GLY A 88 11.33 -14.17 26.68
N TYR A 89 11.03 -13.65 25.47
CA TYR A 89 10.10 -14.30 24.53
C TYR A 89 10.63 -15.70 24.18
N TYR A 90 11.90 -15.77 23.78
CA TYR A 90 12.56 -17.00 23.38
C TYR A 90 12.54 -18.01 24.51
N PHE A 91 12.83 -17.54 25.72
CA PHE A 91 12.89 -18.35 26.92
C PHE A 91 11.53 -18.99 27.24
N VAL A 92 10.48 -18.18 27.28
CA VAL A 92 9.13 -18.58 27.70
C VAL A 92 8.53 -19.60 26.76
N TYR A 93 8.72 -19.43 25.46
CA TYR A 93 8.17 -20.37 24.52
C TYR A 93 8.96 -21.69 24.50
N ASN A 94 10.28 -21.64 24.83
CA ASN A 94 11.09 -22.86 24.89
C ASN A 94 10.76 -23.63 26.16
N ARG A 95 10.43 -22.93 27.25
CA ARG A 95 10.00 -23.50 28.52
C ARG A 95 8.62 -24.13 28.35
N LEU A 96 7.74 -23.46 27.54
CA LEU A 96 6.40 -23.98 27.27
C LEU A 96 6.54 -25.25 26.44
N ASN A 97 7.40 -25.24 25.42
CA ASN A 97 7.63 -26.45 24.62
C ASN A 97 8.15 -27.63 25.47
N GLN A 98 9.03 -27.36 26.47
CA GLN A 98 9.67 -28.33 27.37
C GLN A 98 8.66 -29.02 28.30
N GLN A 99 7.80 -28.22 28.93
CA GLN A 99 6.79 -28.71 29.84
C GLN A 99 5.67 -29.40 29.08
N ALA A 100 5.34 -28.92 27.86
CA ALA A 100 4.36 -29.60 27.00
C ALA A 100 4.94 -30.99 26.62
N ASN A 101 6.26 -31.08 26.31
CA ASN A 101 6.98 -32.34 26.04
C ASN A 101 6.88 -33.31 27.22
N ALA A 102 7.19 -32.83 28.43
CA ALA A 102 7.10 -33.66 29.63
C ALA A 102 5.67 -34.20 29.74
N PHE A 103 4.65 -33.34 29.62
CA PHE A 103 3.22 -33.74 29.70
C PHE A 103 2.84 -34.81 28.67
N VAL A 104 3.19 -34.57 27.38
CA VAL A 104 2.90 -35.43 26.25
C VAL A 104 3.60 -36.78 26.42
N ASN A 105 4.92 -36.76 26.70
CA ASN A 105 5.75 -37.96 26.82
C ASN A 105 5.36 -38.79 28.04
N ASN A 106 4.95 -38.14 29.13
CA ASN A 106 4.54 -38.78 30.37
C ASN A 106 3.15 -39.38 30.26
N THR A 107 2.25 -38.77 29.46
CA THR A 107 0.89 -39.27 29.23
C THR A 107 0.95 -40.46 28.26
N GLU A 108 1.77 -40.37 27.21
CA GLU A 108 1.99 -41.47 26.25
C GLU A 108 2.52 -42.70 26.97
N ALA A 109 3.44 -42.51 27.94
CA ALA A 109 4.05 -43.57 28.73
C ALA A 109 2.99 -44.18 29.67
N ALA A 110 2.14 -43.34 30.30
CA ALA A 110 1.08 -43.80 31.19
C ALA A 110 0.06 -44.68 30.42
N LEU A 111 -0.30 -44.30 29.18
CA LEU A 111 -1.20 -45.04 28.29
C LEU A 111 -0.56 -46.36 27.87
N GLN A 112 0.77 -46.36 27.63
CA GLN A 112 1.52 -47.57 27.26
C GLN A 112 1.64 -48.54 28.43
N ASN A 113 1.92 -48.01 29.64
CA ASN A 113 2.07 -48.76 30.89
C ASN A 113 0.71 -49.22 31.45
N GLN A 114 -0.42 -48.82 30.80
CA GLN A 114 -1.80 -49.14 31.18
C GLN A 114 -2.06 -48.87 32.70
N VAL A 115 -1.84 -47.60 33.14
CA VAL A 115 -1.99 -47.15 34.54
C VAL A 115 -3.44 -46.71 34.84
N TYR A 116 -4.26 -46.53 33.79
CA TYR A 116 -5.63 -46.04 33.92
C TYR A 116 -6.62 -47.16 34.26
N LYS A 117 -7.64 -46.78 35.05
CA LYS A 117 -8.65 -47.65 35.65
C LYS A 117 -9.68 -48.24 34.70
N ASN A 118 -10.13 -47.50 33.70
CA ASN A 118 -11.17 -47.91 32.75
C ASN A 118 -10.97 -47.23 31.39
N SER A 119 -11.86 -47.53 30.43
CA SER A 119 -11.82 -47.00 29.06
C SER A 119 -12.08 -45.49 29.00
N THR A 120 -12.82 -44.94 29.98
CA THR A 120 -13.15 -43.52 30.03
C THR A 120 -11.90 -42.74 30.42
N GLU A 121 -11.13 -43.24 31.39
CA GLU A 121 -9.87 -42.60 31.80
C GLU A 121 -8.86 -42.62 30.66
N ILE A 122 -8.78 -43.74 29.92
CA ILE A 122 -7.91 -43.90 28.75
C ILE A 122 -8.29 -42.89 27.65
N ALA A 123 -9.60 -42.79 27.31
CA ALA A 123 -10.14 -41.89 26.30
C ALA A 123 -9.91 -40.42 26.64
N ASN A 124 -10.08 -40.05 27.93
CA ASN A 124 -9.88 -38.68 28.40
C ASN A 124 -8.40 -38.33 28.38
N ALA A 125 -7.53 -39.28 28.79
CA ALA A 125 -6.08 -39.09 28.79
C ALA A 125 -5.55 -38.90 27.35
N LYS A 126 -6.13 -39.60 26.34
CA LYS A 126 -5.76 -39.46 24.93
C LYS A 126 -6.14 -38.08 24.41
N SER A 127 -7.27 -37.57 24.89
CA SER A 127 -7.80 -36.24 24.58
C SER A 127 -6.88 -35.17 25.17
N PHE A 128 -6.42 -35.32 26.44
CA PHE A 128 -5.45 -34.42 27.11
C PHE A 128 -4.15 -34.41 26.35
N LEU A 129 -3.67 -35.60 25.94
CA LEU A 129 -2.48 -35.78 25.12
C LEU A 129 -2.59 -34.95 23.80
N ALA A 130 -3.80 -34.91 23.16
CA ALA A 130 -4.06 -34.15 21.95
C ALA A 130 -3.97 -32.64 22.22
N GLU A 131 -4.41 -32.18 23.42
CA GLU A 131 -4.32 -30.78 23.85
C GLU A 131 -2.86 -30.36 24.01
N GLY A 132 -2.04 -31.26 24.57
CA GLY A 132 -0.61 -31.05 24.76
C GLY A 132 0.12 -30.86 23.45
N LYS A 133 -0.31 -31.64 22.41
CA LYS A 133 0.22 -31.62 21.05
C LYS A 133 -0.02 -30.28 20.36
N VAL A 134 -1.21 -29.67 20.59
CA VAL A 134 -1.57 -28.33 20.10
C VAL A 134 -0.62 -27.31 20.74
N LEU A 135 -0.32 -27.48 22.03
CA LEU A 135 0.56 -26.56 22.76
C LEU A 135 2.01 -26.70 22.34
N GLN A 136 2.48 -27.93 21.95
CA GLN A 136 3.82 -28.12 21.41
C GLN A 136 3.91 -27.34 20.06
N ALA A 137 2.92 -27.54 19.16
CA ALA A 137 2.80 -26.86 17.86
C ALA A 137 2.78 -25.31 18.03
N LEU A 138 2.04 -24.79 19.02
CA LEU A 138 1.96 -23.34 19.30
C LEU A 138 3.31 -22.79 19.76
N ALA A 139 3.99 -23.50 20.68
CA ALA A 139 5.29 -23.08 21.22
C ALA A 139 6.35 -23.03 20.10
N ILE A 140 6.44 -24.07 19.28
CA ILE A 140 7.41 -24.15 18.19
C ILE A 140 7.05 -23.12 17.09
N TRP A 141 5.74 -22.91 16.80
CA TRP A 141 5.33 -21.90 15.82
C TRP A 141 5.65 -20.47 16.29
N ARG A 142 5.41 -20.15 17.55
CA ARG A 142 5.73 -18.81 18.10
C ARG A 142 7.24 -18.56 18.05
N LEU A 143 8.05 -19.60 18.15
CA LEU A 143 9.50 -19.48 17.96
C LEU A 143 9.84 -19.28 16.44
N MSE A 144 9.21 -20.06 15.53
CA MSE A 144 9.37 -19.93 14.06
C MSE A 144 9.03 -18.51 13.57
O MSE A 144 9.74 -17.94 12.74
CB MSE A 144 8.49 -20.93 13.30
CG MSE A 144 8.93 -22.35 13.43
SE MSE A 144 10.77 -22.63 12.83
CE MSE A 144 10.42 -22.56 10.87
N ASP A 145 7.91 -17.99 14.04
CA ASP A 145 7.36 -16.69 13.70
C ASP A 145 8.38 -15.55 13.93
N ARG A 146 9.18 -15.59 15.04
CA ARG A 146 10.14 -14.53 15.33
C ARG A 146 11.60 -14.87 15.08
N PHE A 147 11.98 -16.17 14.98
CA PHE A 147 13.40 -16.51 14.84
C PHE A 147 13.76 -17.27 13.55
N SER A 148 12.81 -17.51 12.66
CA SER A 148 13.11 -18.10 11.35
C SER A 148 12.74 -17.08 10.29
N PHE A 149 13.52 -17.01 9.21
CA PHE A 149 13.34 -16.03 8.13
C PHE A 149 12.16 -16.35 7.23
N HIS A 150 11.58 -15.29 6.66
CA HIS A 150 10.54 -15.38 5.66
C HIS A 150 11.24 -15.67 4.35
N GLU A 151 10.53 -16.27 3.38
CA GLU A 151 11.11 -16.65 2.08
C GLU A 151 11.66 -15.43 1.29
N SER A 152 11.08 -14.25 1.49
CA SER A 152 11.41 -13.00 0.80
C SER A 152 12.69 -12.33 1.30
N VAL A 153 13.29 -12.83 2.42
CA VAL A 153 14.49 -12.23 3.02
C VAL A 153 15.65 -12.18 1.98
N THR A 154 16.46 -11.10 2.06
CA THR A 154 17.61 -10.90 1.19
C THR A 154 18.87 -11.39 1.93
N GLU A 155 19.89 -10.52 2.16
CA GLU A 155 21.12 -10.91 2.85
C GLU A 155 20.88 -11.37 4.29
N VAL A 156 21.45 -12.53 4.64
CA VAL A 156 21.36 -13.16 5.97
C VAL A 156 22.71 -13.77 6.28
N ASN A 157 22.90 -14.28 7.50
CA ASN A 157 24.14 -14.98 7.85
C ASN A 157 24.15 -16.33 7.09
N SER A 158 25.20 -16.59 6.34
CA SER A 158 25.35 -17.80 5.50
C SER A 158 24.94 -19.10 6.18
N GLY A 159 23.92 -19.75 5.59
CA GLY A 159 23.36 -21.01 6.03
C GLY A 159 22.11 -20.87 6.90
N ALA A 160 21.73 -19.62 7.25
CA ALA A 160 20.58 -19.37 8.12
C ALA A 160 19.23 -19.28 7.37
N LYS A 161 19.22 -18.96 6.06
CA LYS A 161 17.99 -18.74 5.27
C LYS A 161 16.93 -19.84 5.37
N ASP A 162 17.31 -21.10 5.35
CA ASP A 162 16.32 -22.17 5.40
C ASP A 162 16.33 -22.97 6.72
N LEU A 163 16.86 -22.37 7.78
CA LEU A 163 16.86 -22.97 9.12
C LEU A 163 15.60 -22.54 9.93
N GLY A 164 15.16 -23.45 10.78
CA GLY A 164 14.07 -23.23 11.68
C GLY A 164 14.62 -22.86 13.05
N VAL A 165 14.27 -23.66 14.09
CA VAL A 165 14.69 -23.47 15.47
C VAL A 165 15.16 -24.81 16.00
N ILE A 166 15.77 -24.84 17.20
CA ILE A 166 16.20 -26.09 17.83
C ILE A 166 14.91 -26.87 18.18
N LEU A 167 14.76 -28.02 17.56
CA LEU A 167 13.56 -28.83 17.71
C LEU A 167 13.84 -29.96 18.73
N LEU A 168 13.44 -29.74 19.99
CA LEU A 168 13.60 -30.72 21.07
C LEU A 168 12.22 -31.24 21.51
N LYS A 169 12.05 -32.56 21.42
CA LYS A 169 10.77 -33.26 21.68
C LYS A 169 10.71 -33.95 23.05
N GLU A 170 11.80 -33.90 23.81
CA GLU A 170 11.91 -34.53 25.13
C GLU A 170 12.18 -33.50 26.17
N TYR A 171 11.70 -33.70 27.42
CA TYR A 171 12.02 -32.77 28.52
C TYR A 171 13.49 -33.06 28.85
N ASN A 172 14.39 -32.19 28.35
CA ASN A 172 15.81 -32.39 28.50
C ASN A 172 16.50 -31.01 28.66
N PRO A 173 16.61 -30.51 29.92
CA PRO A 173 17.31 -29.23 30.13
C PRO A 173 18.84 -29.42 30.02
N GLY A 174 19.50 -28.43 29.40
CA GLY A 174 20.92 -28.40 29.15
C GLY A 174 21.32 -28.92 27.79
N TYR A 175 20.31 -29.33 26.97
CA TYR A 175 20.48 -29.91 25.64
C TYR A 175 21.26 -28.96 24.69
N ILE A 176 22.31 -29.48 24.02
CA ILE A 176 23.12 -28.73 23.03
C ILE A 176 22.86 -29.41 21.68
N GLY A 177 22.22 -28.66 20.79
CA GLY A 177 21.86 -29.13 19.46
C GLY A 177 21.74 -28.05 18.39
N PRO A 178 21.83 -28.46 17.11
CA PRO A 178 21.70 -27.47 16.03
C PRO A 178 20.23 -27.15 15.69
N ARG A 179 20.01 -26.08 14.93
CA ARG A 179 18.69 -25.75 14.45
C ARG A 179 18.27 -26.75 13.39
N ALA A 180 17.01 -27.17 13.41
CA ALA A 180 16.41 -28.03 12.39
C ALA A 180 16.09 -27.16 11.19
N THR A 181 15.77 -27.75 10.03
CA THR A 181 15.40 -26.97 8.84
C THR A 181 13.96 -26.41 9.00
N LYS A 182 13.57 -25.40 8.17
CA LYS A 182 12.23 -24.83 8.17
C LYS A 182 11.20 -25.94 7.91
N ALA A 183 11.47 -26.82 6.92
CA ALA A 183 10.59 -27.92 6.54
C ALA A 183 10.36 -28.87 7.72
N GLN A 184 11.42 -29.23 8.46
CA GLN A 184 11.34 -30.13 9.60
C GLN A 184 10.48 -29.52 10.72
N CYS A 185 10.63 -28.22 11.00
CA CYS A 185 9.88 -27.53 12.04
C CYS A 185 8.42 -27.34 11.66
N TYR A 186 8.14 -26.95 10.40
CA TYR A 186 6.74 -26.78 9.97
C TYR A 186 6.02 -28.13 9.81
N ASP A 187 6.75 -29.18 9.45
CA ASP A 187 6.17 -30.52 9.32
C ASP A 187 5.72 -31.02 10.71
N TYR A 188 6.48 -30.68 11.78
CA TYR A 188 6.24 -31.06 13.17
C TYR A 188 5.05 -30.26 13.70
N ILE A 189 5.05 -28.94 13.49
CA ILE A 189 3.93 -28.07 13.89
C ILE A 189 2.61 -28.61 13.32
N LEU A 190 2.56 -28.81 12.00
CA LEU A 190 1.36 -29.24 11.29
C LEU A 190 0.98 -30.68 11.55
N SER A 191 1.94 -31.61 11.83
CA SER A 191 1.60 -33.00 12.15
C SER A 191 0.99 -33.09 13.55
N ARG A 192 1.53 -32.33 14.53
CA ARG A 192 0.99 -32.25 15.88
C ARG A 192 -0.48 -31.73 15.85
N LEU A 193 -0.78 -30.65 15.06
CA LEU A 193 -2.14 -30.07 14.94
C LEU A 193 -3.12 -31.06 14.29
N SER A 194 -2.67 -31.69 13.22
CA SER A 194 -3.35 -32.72 12.46
C SER A 194 -3.75 -33.92 13.36
N GLU A 195 -2.80 -34.46 14.14
CA GLU A 195 -3.01 -35.59 15.06
C GLU A 195 -3.97 -35.19 16.19
N ALA A 196 -3.95 -33.92 16.64
CA ALA A 196 -4.83 -33.38 17.68
C ALA A 196 -6.25 -33.23 17.18
N ILE A 197 -6.43 -32.68 15.95
CA ILE A 197 -7.74 -32.44 15.32
C ILE A 197 -8.51 -33.77 15.14
N GLU A 198 -7.82 -34.86 14.97
CA GLU A 198 -8.42 -36.17 14.81
C GLU A 198 -8.99 -36.75 16.12
N VAL A 199 -8.47 -36.32 17.28
CA VAL A 199 -8.83 -36.83 18.59
C VAL A 199 -9.82 -35.90 19.31
N LEU A 200 -9.57 -34.58 19.30
CA LEU A 200 -10.40 -33.63 20.01
C LEU A 200 -11.83 -33.61 19.45
N PRO A 201 -12.87 -33.58 20.33
CA PRO A 201 -14.25 -33.62 19.82
C PRO A 201 -14.62 -32.38 19.03
N GLU A 202 -15.56 -32.54 18.08
CA GLU A 202 -16.03 -31.46 17.22
C GLU A 202 -16.51 -30.25 18.02
N ASN A 203 -17.22 -30.50 19.15
CA ASN A 203 -17.76 -29.45 19.99
C ASN A 203 -16.88 -29.17 21.19
N ARG A 204 -16.60 -27.88 21.40
CA ARG A 204 -15.75 -27.36 22.46
C ARG A 204 -16.32 -27.69 23.84
N GLU A 205 -15.51 -28.32 24.69
CA GLU A 205 -15.89 -28.64 26.07
C GLU A 205 -15.88 -27.33 26.90
N SER A 206 -14.77 -26.55 26.80
CA SER A 206 -14.60 -25.32 27.57
C SER A 206 -13.76 -24.29 26.81
N VAL A 207 -14.09 -23.01 27.00
CA VAL A 207 -13.37 -21.85 26.45
C VAL A 207 -11.94 -21.81 27.08
N LEU A 208 -11.77 -22.47 28.26
CA LEU A 208 -10.52 -22.47 29.05
C LEU A 208 -9.56 -23.60 28.66
N TYR A 209 -9.96 -24.47 27.73
CA TYR A 209 -9.14 -25.60 27.33
C TYR A 209 -9.03 -25.72 25.83
N VAL A 210 -7.88 -26.27 25.36
CA VAL A 210 -7.66 -26.51 23.93
C VAL A 210 -8.83 -27.35 23.38
N SER A 211 -9.39 -26.91 22.25
CA SER A 211 -10.47 -27.58 21.56
C SER A 211 -10.08 -27.82 20.11
N ARG A 212 -10.90 -28.57 19.34
CA ARG A 212 -10.66 -28.79 17.93
C ARG A 212 -10.83 -27.45 17.18
N ASP A 213 -11.77 -26.62 17.66
CA ASP A 213 -12.05 -25.26 17.19
C ASP A 213 -10.81 -24.37 17.26
N TYR A 214 -10.09 -24.40 18.38
CA TYR A 214 -8.87 -23.60 18.51
C TYR A 214 -7.76 -24.21 17.63
N ALA A 215 -7.67 -25.54 17.52
CA ALA A 215 -6.66 -26.19 16.65
C ALA A 215 -6.84 -25.78 15.16
N TYR A 216 -8.12 -25.68 14.66
CA TYR A 216 -8.39 -25.22 13.29
C TYR A 216 -8.05 -23.73 13.13
N ALA A 217 -8.40 -22.91 14.13
CA ALA A 217 -8.10 -21.48 14.12
C ALA A 217 -6.56 -21.29 14.09
N LEU A 218 -5.82 -21.99 14.97
CA LEU A 218 -4.37 -21.93 15.03
C LEU A 218 -3.74 -22.37 13.72
N ARG A 219 -4.20 -23.48 13.14
CA ARG A 219 -3.66 -23.96 11.87
C ARG A 219 -3.97 -22.98 10.72
N ALA A 220 -5.16 -22.35 10.70
CA ALA A 220 -5.55 -21.31 9.72
C ALA A 220 -4.57 -20.13 9.79
N ARG A 221 -4.21 -19.71 11.03
CA ARG A 221 -3.25 -18.64 11.31
C ARG A 221 -1.87 -19.03 10.73
N ILE A 222 -1.39 -20.25 11.01
CA ILE A 222 -0.08 -20.74 10.52
C ILE A 222 -0.08 -20.84 8.98
N TYR A 223 -1.14 -21.39 8.37
CA TYR A 223 -1.25 -21.48 6.90
C TYR A 223 -1.26 -20.09 6.22
N LEU A 224 -1.95 -19.11 6.81
CA LEU A 224 -1.95 -17.76 6.29
C LEU A 224 -0.53 -17.19 6.32
N ALA A 225 0.18 -17.35 7.47
CA ALA A 225 1.55 -16.89 7.66
C ALA A 225 2.47 -17.54 6.60
N LEU A 226 2.21 -18.81 6.24
CA LEU A 226 2.98 -19.51 5.21
C LEU A 226 2.56 -19.17 3.76
N GLY A 227 1.45 -18.48 3.55
CA GLY A 227 0.97 -18.17 2.22
C GLY A 227 0.23 -19.34 1.56
N GLU A 228 -0.28 -20.29 2.39
CA GLU A 228 -1.06 -21.45 1.96
C GLU A 228 -2.54 -21.06 2.11
N TYR A 229 -2.98 -20.15 1.22
CA TYR A 229 -4.31 -19.52 1.23
C TYR A 229 -5.47 -20.50 1.08
N GLY A 230 -5.34 -21.51 0.22
CA GLY A 230 -6.41 -22.49 0.07
C GLY A 230 -6.65 -23.28 1.35
N LYS A 231 -5.56 -23.69 2.01
CA LYS A 231 -5.58 -24.47 3.25
C LYS A 231 -6.01 -23.60 4.42
N ALA A 232 -5.57 -22.31 4.47
CA ALA A 232 -6.00 -21.36 5.53
C ALA A 232 -7.52 -21.13 5.46
N ALA A 233 -8.06 -20.90 4.24
CA ALA A 233 -9.50 -20.69 3.99
C ALA A 233 -10.35 -21.90 4.45
N ALA A 234 -9.90 -23.14 4.16
CA ALA A 234 -10.57 -24.40 4.50
C ALA A 234 -10.66 -24.60 6.01
N ASP A 235 -9.55 -24.30 6.73
CA ASP A 235 -9.44 -24.37 8.19
C ASP A 235 -10.26 -23.29 8.85
N ALA A 236 -10.28 -22.08 8.27
CA ALA A 236 -11.06 -20.95 8.81
C ALA A 236 -12.57 -21.22 8.70
N LYS A 237 -13.04 -21.84 7.60
CA LYS A 237 -14.45 -22.18 7.36
C LYS A 237 -15.00 -23.15 8.40
N MSE A 238 -14.12 -23.96 9.03
CA MSE A 238 -14.50 -24.93 10.06
C MSE A 238 -15.00 -24.22 11.34
O MSE A 238 -15.80 -24.82 12.06
CB MSE A 238 -13.30 -25.83 10.46
CG MSE A 238 -12.79 -26.74 9.36
SE MSE A 238 -14.10 -28.05 8.64
CE MSE A 238 -14.28 -29.26 10.10
N VAL A 239 -14.52 -23.00 11.65
CA VAL A 239 -14.85 -22.32 12.91
C VAL A 239 -15.49 -20.94 12.76
N VAL A 240 -15.31 -20.25 11.64
CA VAL A 240 -15.76 -18.88 11.45
C VAL A 240 -17.29 -18.66 11.74
N ASP A 241 -18.16 -19.65 11.51
CA ASP A 241 -19.61 -19.51 11.72
C ASP A 241 -20.05 -20.05 13.11
N LYS A 242 -19.08 -20.56 13.90
CA LYS A 242 -19.39 -21.17 15.20
C LYS A 242 -19.41 -20.15 16.32
N TYR A 243 -18.78 -18.97 16.11
CA TYR A 243 -18.67 -17.92 17.13
C TYR A 243 -19.29 -16.63 16.62
N PRO A 244 -20.37 -16.14 17.23
CA PRO A 244 -20.99 -14.91 16.69
C PRO A 244 -20.18 -13.68 17.07
N LEU A 245 -20.26 -12.64 16.22
CA LEU A 245 -19.61 -11.35 16.48
C LEU A 245 -20.41 -10.57 17.55
N ILE A 246 -19.74 -9.68 18.28
CA ILE A 246 -20.38 -8.81 19.27
C ILE A 246 -21.45 -8.00 18.55
N GLY A 247 -22.65 -7.98 19.14
CA GLY A 247 -23.77 -7.18 18.67
C GLY A 247 -23.87 -5.96 19.55
N ALA A 248 -23.57 -4.77 18.99
CA ALA A 248 -23.53 -3.53 19.77
C ALA A 248 -24.13 -2.35 18.97
N ALA A 249 -25.03 -1.59 19.60
CA ALA A 249 -25.70 -0.45 18.96
C ALA A 249 -24.82 0.80 18.94
N ASP A 250 -23.84 0.89 19.87
CA ASP A 250 -22.89 2.01 20.01
C ASP A 250 -21.58 1.53 20.65
N ALA A 251 -20.57 2.43 20.69
CA ALA A 251 -19.23 2.18 21.23
C ALA A 251 -19.23 1.74 22.70
N SER A 252 -20.13 2.29 23.51
CA SER A 252 -20.26 1.95 24.95
C SER A 252 -20.65 0.49 25.16
N GLU A 253 -21.63 0.00 24.37
CA GLU A 253 -22.11 -1.35 24.40
C GLU A 253 -21.02 -2.28 23.84
N PHE A 254 -20.29 -1.84 22.79
CA PHE A 254 -19.18 -2.61 22.23
C PHE A 254 -18.11 -2.82 23.30
N GLU A 255 -17.67 -1.70 23.97
CA GLU A 255 -16.64 -1.70 24.99
C GLU A 255 -17.00 -2.65 26.16
N ASN A 256 -18.24 -2.60 26.68
CA ASN A 256 -18.69 -3.45 27.79
C ASN A 256 -18.70 -4.95 27.45
N ILE A 257 -19.00 -5.33 26.19
CA ILE A 257 -18.99 -6.73 25.80
C ILE A 257 -17.54 -7.15 25.46
N TYR A 258 -16.86 -6.37 24.59
CA TYR A 258 -15.50 -6.65 24.17
C TYR A 258 -14.57 -6.86 25.37
N ARG A 259 -14.58 -5.90 26.34
CA ARG A 259 -13.68 -5.96 27.50
C ARG A 259 -14.03 -7.08 28.51
N SER A 260 -15.12 -7.82 28.27
CA SER A 260 -15.57 -8.89 29.17
C SER A 260 -15.17 -10.25 28.65
N ASP A 261 -14.19 -10.87 29.31
CA ASP A 261 -13.70 -12.22 28.99
C ASP A 261 -14.86 -13.23 29.01
N ALA A 262 -15.70 -13.12 30.06
CA ALA A 262 -16.83 -13.99 30.36
C ALA A 262 -17.99 -13.87 29.35
N ASN A 263 -18.30 -12.65 28.90
CA ASN A 263 -19.45 -12.33 28.05
C ASN A 263 -19.17 -12.09 26.57
N ASN A 264 -17.89 -11.97 26.15
CA ASN A 264 -17.58 -11.75 24.74
C ASN A 264 -17.79 -13.07 23.95
N PRO A 265 -18.80 -13.16 23.01
CA PRO A 265 -19.09 -14.43 22.31
C PRO A 265 -18.08 -14.85 21.23
N GLU A 266 -17.10 -13.98 20.92
CA GLU A 266 -16.09 -14.20 19.88
C GLU A 266 -14.88 -15.02 20.36
N ILE A 267 -14.70 -15.19 21.66
CA ILE A 267 -13.51 -15.88 22.19
C ILE A 267 -13.66 -17.40 22.04
N ILE A 268 -12.64 -18.03 21.41
CA ILE A 268 -12.58 -19.46 21.14
C ILE A 268 -11.80 -20.15 22.27
N PHE A 269 -10.77 -19.50 22.80
CA PHE A 269 -9.89 -20.05 23.83
C PHE A 269 -9.25 -18.95 24.64
N ARG A 270 -9.23 -19.12 25.95
CA ARG A 270 -8.63 -18.12 26.84
C ARG A 270 -8.15 -18.79 28.10
N GLY A 271 -7.29 -18.12 28.86
CA GLY A 271 -6.81 -18.61 30.14
C GLY A 271 -7.71 -18.20 31.29
N PHE A 272 -7.85 -19.08 32.30
CA PHE A 272 -8.67 -18.76 33.48
C PHE A 272 -8.19 -17.46 34.12
N ALA A 273 -9.12 -16.64 34.57
CA ALA A 273 -8.81 -15.39 35.21
C ALA A 273 -9.94 -14.97 36.16
N SER A 274 -9.51 -14.42 37.30
CA SER A 274 -10.32 -13.87 38.37
C SER A 274 -9.52 -12.74 38.95
N ALA A 275 -10.08 -11.96 39.88
CA ALA A 275 -9.34 -10.88 40.54
C ALA A 275 -8.09 -11.41 41.28
N THR A 276 -8.14 -12.63 41.84
CA THR A 276 -7.06 -13.21 42.63
C THR A 276 -6.14 -14.17 41.86
N LEU A 277 -6.60 -14.76 40.76
CA LEU A 277 -5.75 -15.70 40.01
C LEU A 277 -5.98 -15.58 38.52
N GLY A 278 -4.90 -15.51 37.77
CA GLY A 278 -4.94 -15.47 36.30
C GLY A 278 -4.93 -14.10 35.66
N SER A 279 -5.28 -13.06 36.43
CA SER A 279 -5.29 -11.64 36.04
C SER A 279 -3.91 -11.02 36.07
N PHE A 280 -3.69 -10.03 35.18
CA PHE A 280 -2.41 -9.31 35.09
C PHE A 280 -2.66 -7.98 34.37
N THR A 281 -1.85 -6.97 34.71
CA THR A 281 -1.88 -5.67 34.02
C THR A 281 -1.10 -5.82 32.71
N ALA A 282 -1.46 -5.07 31.67
CA ALA A 282 -0.75 -5.10 30.37
C ALA A 282 -0.79 -3.67 29.83
N THR A 283 -0.07 -2.79 30.54
CA THR A 283 -0.06 -1.34 30.34
C THR A 283 1.08 -0.81 29.48
N THR A 284 1.82 -1.66 28.76
CA THR A 284 2.94 -1.19 27.93
C THR A 284 2.51 -0.15 26.88
N LEU A 285 1.46 -0.45 26.10
CA LEU A 285 0.99 0.41 25.02
C LEU A 285 0.15 1.65 25.48
N ASN A 286 -0.57 1.55 26.61
CA ASN A 286 -1.38 2.68 27.01
C ASN A 286 -0.76 3.51 28.16
N GLY A 287 0.32 3.01 28.79
CA GLY A 287 0.98 3.67 29.91
C GLY A 287 -0.01 4.09 30.97
N ALA A 288 -1.05 3.26 31.19
CA ALA A 288 -2.13 3.52 32.15
C ALA A 288 -1.74 3.14 33.56
N ALA A 289 -2.21 3.91 34.53
CA ALA A 289 -1.96 3.70 35.95
C ALA A 289 -3.18 4.14 36.77
N PRO A 290 -3.50 3.40 37.85
CA PRO A 290 -4.63 3.84 38.70
C PRO A 290 -4.27 5.08 39.55
N ALA A 291 -5.26 5.95 39.86
CA ALA A 291 -5.13 7.16 40.67
C ALA A 291 -6.44 7.41 41.40
N GLY A 292 -6.72 6.53 42.37
CA GLY A 292 -7.99 6.54 43.08
C GLY A 292 -9.03 5.89 42.19
N LYS A 293 -10.02 6.68 41.79
CA LYS A 293 -11.12 6.26 40.93
C LYS A 293 -10.85 6.61 39.47
N ASP A 294 -9.77 7.36 39.24
CA ASP A 294 -9.40 7.76 37.90
C ASP A 294 -8.31 6.84 37.34
N ILE A 295 -8.13 6.92 36.02
CA ILE A 295 -7.08 6.21 35.29
C ILE A 295 -6.21 7.28 34.69
N LYS A 296 -4.92 7.31 35.06
CA LYS A 296 -3.95 8.25 34.48
C LYS A 296 -3.23 7.58 33.30
N TYR A 297 -3.12 8.30 32.19
CA TYR A 297 -2.46 7.78 31.00
C TYR A 297 -1.23 8.59 30.66
N ASN A 298 -0.12 7.88 30.40
CA ASN A 298 1.14 8.49 30.03
C ASN A 298 1.89 7.48 29.16
N PRO A 299 1.51 7.38 27.87
CA PRO A 299 2.14 6.33 27.02
C PRO A 299 3.54 6.70 26.55
N SER A 300 4.34 5.70 26.25
CA SER A 300 5.73 5.82 25.79
C SER A 300 5.82 5.67 24.28
N ALA A 301 4.71 5.22 23.65
CA ALA A 301 4.53 5.05 22.22
C ALA A 301 3.09 5.24 21.90
N VAL A 302 2.84 5.96 20.78
CA VAL A 302 1.49 6.28 20.31
C VAL A 302 1.39 6.01 18.80
N PRO A 303 0.22 5.64 18.24
CA PRO A 303 0.17 5.43 16.78
C PRO A 303 0.35 6.74 16.01
N PHE A 304 0.89 6.60 14.78
CA PHE A 304 1.04 7.73 13.86
C PHE A 304 -0.36 8.18 13.45
N GLN A 305 -0.50 9.35 12.80
CA GLN A 305 -1.81 9.82 12.36
C GLN A 305 -2.51 8.88 11.35
N TRP A 306 -1.74 8.20 10.48
CA TRP A 306 -2.29 7.30 9.46
C TRP A 306 -3.01 6.14 10.12
N VAL A 307 -2.54 5.72 11.32
CA VAL A 307 -3.18 4.61 12.04
C VAL A 307 -4.53 5.05 12.60
N VAL A 308 -4.60 6.27 13.17
CA VAL A 308 -5.79 6.91 13.73
C VAL A 308 -6.81 7.08 12.57
N ASP A 309 -6.31 7.49 11.42
CA ASP A 309 -7.10 7.69 10.21
C ASP A 309 -7.62 6.38 9.60
N LEU A 310 -7.12 5.18 9.96
CA LEU A 310 -7.72 3.96 9.43
C LEU A 310 -9.20 3.86 9.82
N TYR A 311 -9.54 4.37 11.03
CA TYR A 311 -10.85 4.27 11.64
C TYR A 311 -11.78 5.45 11.31
N GLU A 312 -13.02 5.14 10.94
CA GLU A 312 -14.09 6.14 10.78
C GLU A 312 -14.45 6.56 12.19
N ASN A 313 -14.99 7.79 12.40
CA ASN A 313 -15.30 8.24 13.76
C ASN A 313 -16.42 7.39 14.40
N GLU A 314 -17.29 6.80 13.56
CA GLU A 314 -18.42 5.90 13.85
C GLU A 314 -17.98 4.49 14.30
N ASP A 315 -16.75 4.06 13.94
CA ASP A 315 -16.17 2.77 14.28
C ASP A 315 -16.00 2.64 15.78
N PHE A 316 -16.62 1.58 16.35
CA PHE A 316 -16.59 1.30 17.79
C PHE A 316 -15.16 1.11 18.32
N ARG A 317 -14.24 0.58 17.47
CA ARG A 317 -12.85 0.36 17.85
C ARG A 317 -12.09 1.71 18.07
N LYS A 318 -12.60 2.84 17.53
CA LYS A 318 -11.96 4.16 17.68
C LYS A 318 -12.02 4.72 19.14
N SER A 319 -12.75 4.04 20.03
CA SER A 319 -12.83 4.47 21.44
C SER A 319 -12.55 3.29 22.39
N VAL A 320 -12.22 2.12 21.84
CA VAL A 320 -11.92 0.91 22.64
C VAL A 320 -10.50 0.43 22.34
N TYR A 321 -10.21 -0.01 21.08
CA TYR A 321 -8.90 -0.53 20.59
C TYR A 321 -7.85 0.59 20.65
N ILE A 322 -8.25 1.81 20.21
CA ILE A 322 -7.50 3.07 20.36
C ILE A 322 -8.48 3.99 21.08
N ALA A 323 -8.02 4.97 21.89
CA ALA A 323 -8.92 5.90 22.59
C ALA A 323 -8.27 7.27 22.70
N LYS A 324 -9.03 8.35 22.45
CA LYS A 324 -8.52 9.74 22.46
C LYS A 324 -8.37 10.22 23.92
N VAL A 325 -7.41 9.64 24.65
CA VAL A 325 -7.20 9.92 26.07
C VAL A 325 -5.76 10.40 26.36
N VAL A 326 -4.97 10.72 25.32
CA VAL A 326 -3.62 11.24 25.52
C VAL A 326 -3.75 12.71 25.83
N LYS A 327 -3.19 13.15 27.00
CA LYS A 327 -3.21 14.52 27.50
C LYS A 327 -4.69 15.00 27.59
N LYS A 328 -5.52 14.17 28.26
CA LYS A 328 -6.94 14.29 28.48
C LYS A 328 -7.72 13.90 27.21
N ASP A 329 -7.54 14.66 26.11
CA ASP A 329 -8.29 14.46 24.86
C ASP A 329 -7.55 14.99 23.61
N LYS A 330 -6.22 15.10 23.68
CA LYS A 330 -5.40 15.65 22.60
C LYS A 330 -5.06 14.63 21.51
N GLY A 331 -4.98 13.35 21.86
CA GLY A 331 -4.56 12.33 20.90
C GLY A 331 -4.93 10.96 21.36
N TYR A 332 -4.59 9.98 20.53
CA TYR A 332 -4.95 8.57 20.64
C TYR A 332 -3.83 7.69 21.09
N LEU A 333 -4.14 6.69 21.93
CA LEU A 333 -3.20 5.62 22.32
C LEU A 333 -3.91 4.28 22.08
N VAL A 334 -3.17 3.15 22.09
CA VAL A 334 -3.74 1.82 21.93
C VAL A 334 -4.29 1.37 23.33
N ASN A 335 -5.64 1.28 23.44
CA ASN A 335 -6.28 0.97 24.71
C ASN A 335 -6.91 -0.40 24.77
N LYS A 336 -6.52 -1.31 23.90
CA LYS A 336 -7.13 -2.65 23.83
C LYS A 336 -7.09 -3.44 25.16
N PHE A 337 -5.97 -3.35 25.89
CA PHE A 337 -5.70 -4.11 27.11
C PHE A 337 -5.88 -3.29 28.37
N LEU A 338 -6.83 -2.35 28.34
CA LEU A 338 -7.14 -1.48 29.44
C LEU A 338 -7.50 -2.24 30.73
N GLU A 339 -8.55 -3.08 30.68
CA GLU A 339 -9.07 -3.82 31.82
C GLU A 339 -10.27 -4.72 31.47
N ASP A 340 -10.55 -5.66 32.36
CA ASP A 340 -11.76 -6.44 32.50
C ASP A 340 -12.16 -6.13 33.94
N LYS A 341 -13.25 -5.34 34.09
CA LYS A 341 -13.77 -4.85 35.36
C LYS A 341 -14.17 -5.98 36.32
N ALA A 342 -14.35 -7.20 35.80
CA ALA A 342 -14.67 -8.37 36.62
C ALA A 342 -13.44 -8.76 37.47
N TYR A 343 -12.24 -8.26 37.11
CA TYR A 343 -11.01 -8.59 37.83
C TYR A 343 -10.57 -7.45 38.79
N ARG A 344 -11.49 -6.52 39.07
CA ARG A 344 -11.23 -5.44 40.01
C ARG A 344 -11.34 -5.99 41.43
N ASP A 345 -10.49 -5.48 42.35
CA ASP A 345 -10.52 -5.85 43.75
C ASP A 345 -11.69 -5.13 44.41
N VAL A 346 -11.94 -3.87 44.00
CA VAL A 346 -12.98 -2.97 44.49
C VAL A 346 -13.73 -2.47 43.25
N GLN A 347 -15.07 -2.65 43.23
CA GLN A 347 -15.97 -2.37 42.10
C GLN A 347 -15.73 -1.01 41.39
N ASP A 348 -15.52 0.06 42.17
CA ASP A 348 -15.33 1.41 41.63
C ASP A 348 -13.85 1.83 41.48
N LYS A 349 -12.88 0.92 41.74
CA LYS A 349 -11.46 1.22 41.70
C LYS A 349 -10.74 0.47 40.58
N PRO A 350 -10.25 1.20 39.54
CA PRO A 350 -9.52 0.53 38.47
C PRO A 350 -8.19 -0.10 38.96
N ASN A 351 -7.91 -1.35 38.55
CA ASN A 351 -6.65 -2.03 38.87
C ASN A 351 -5.98 -2.49 37.56
N LEU A 352 -6.66 -2.27 36.41
CA LEU A 352 -6.24 -2.48 35.03
C LEU A 352 -5.79 -3.91 34.74
N LYS A 353 -6.52 -4.88 35.26
CA LYS A 353 -6.17 -6.30 35.07
C LYS A 353 -7.01 -6.95 34.01
N VAL A 354 -6.34 -7.65 33.08
CA VAL A 354 -6.94 -8.36 31.97
C VAL A 354 -6.60 -9.85 32.07
N GLY A 355 -7.23 -10.65 31.22
CA GLY A 355 -6.98 -12.08 31.09
C GLY A 355 -6.28 -12.35 29.79
N ALA A 356 -5.66 -13.53 29.67
CA ALA A 356 -4.97 -13.93 28.47
C ALA A 356 -5.94 -14.64 27.48
N ARG A 357 -6.18 -14.01 26.32
CA ARG A 357 -7.05 -14.52 25.23
C ARG A 357 -6.15 -15.13 24.17
N TYR A 358 -6.48 -16.34 23.67
CA TYR A 358 -5.58 -17.07 22.78
C TYR A 358 -6.07 -17.09 21.33
N PHE A 359 -7.39 -17.01 21.10
CA PHE A 359 -7.98 -16.87 19.77
C PHE A 359 -9.40 -16.33 19.88
N SER A 360 -9.75 -15.37 18.98
CA SER A 360 -11.06 -14.76 18.83
C SER A 360 -11.50 -14.86 17.36
N VAL A 361 -12.83 -14.98 17.11
CA VAL A 361 -13.34 -15.24 15.75
C VAL A 361 -13.02 -14.10 14.71
N ALA A 362 -12.81 -12.84 15.14
CA ALA A 362 -12.50 -11.75 14.21
C ALA A 362 -11.20 -12.03 13.45
N GLU A 363 -10.23 -12.72 14.08
CA GLU A 363 -8.98 -13.13 13.39
C GLU A 363 -9.27 -14.20 12.33
N VAL A 364 -10.18 -15.13 12.63
CA VAL A 364 -10.62 -16.19 11.71
C VAL A 364 -11.36 -15.54 10.49
N TYR A 365 -12.21 -14.52 10.72
CA TYR A 365 -12.88 -13.77 9.64
C TYR A 365 -11.85 -13.19 8.65
N LEU A 366 -10.78 -12.56 9.21
CA LEU A 366 -9.73 -11.91 8.46
C LEU A 366 -8.87 -12.93 7.67
N ILE A 367 -8.54 -14.09 8.29
CA ILE A 367 -7.78 -15.16 7.63
C ILE A 367 -8.58 -15.60 6.40
N LEU A 368 -9.89 -15.82 6.60
CA LEU A 368 -10.83 -16.21 5.54
C LEU A 368 -10.89 -15.18 4.40
N VAL A 369 -11.05 -13.88 4.71
CA VAL A 369 -11.19 -12.83 3.68
C VAL A 369 -9.95 -12.74 2.81
N GLU A 370 -8.74 -12.64 3.43
CA GLU A 370 -7.47 -12.56 2.71
C GLU A 370 -7.27 -13.76 1.82
N SER A 371 -7.47 -14.98 2.39
CA SER A 371 -7.30 -16.27 1.70
C SER A 371 -8.28 -16.40 0.52
N ALA A 372 -9.52 -15.86 0.68
CA ALA A 372 -10.55 -15.86 -0.37
C ALA A 372 -10.15 -14.91 -1.49
N LEU A 373 -9.59 -13.74 -1.13
CA LEU A 373 -9.14 -12.76 -2.13
C LEU A 373 -8.03 -13.35 -2.96
N GLN A 374 -7.13 -14.10 -2.32
CA GLN A 374 -5.99 -14.75 -2.96
C GLN A 374 -6.41 -15.90 -3.87
N THR A 375 -7.43 -16.67 -3.49
CA THR A 375 -7.88 -17.82 -4.29
C THR A 375 -9.04 -17.46 -5.26
N GLY A 376 -9.36 -16.17 -5.38
CA GLY A 376 -10.40 -15.68 -6.28
C GLY A 376 -11.83 -15.96 -5.85
N ASP A 377 -12.06 -16.23 -4.57
CA ASP A 377 -13.41 -16.45 -4.05
C ASP A 377 -13.95 -15.10 -3.51
N THR A 378 -14.37 -14.23 -4.43
CA THR A 378 -14.88 -12.88 -4.15
C THR A 378 -16.17 -12.92 -3.30
N PRO A 379 -17.18 -13.79 -3.55
CA PRO A 379 -18.37 -13.80 -2.67
C PRO A 379 -18.03 -14.02 -1.19
N THR A 380 -17.07 -14.90 -0.87
CA THR A 380 -16.66 -15.20 0.52
C THR A 380 -15.96 -13.99 1.17
N ALA A 381 -15.02 -13.35 0.44
CA ALA A 381 -14.30 -12.16 0.88
C ALA A 381 -15.28 -11.05 1.20
N GLU A 382 -16.24 -10.78 0.29
CA GLU A 382 -17.28 -9.77 0.42
C GLU A 382 -18.22 -10.04 1.62
N LYS A 383 -18.69 -11.29 1.79
CA LYS A 383 -19.57 -11.67 2.89
C LYS A 383 -18.94 -11.41 4.27
N TYR A 384 -17.75 -11.94 4.50
CA TYR A 384 -17.11 -11.86 5.82
C TYR A 384 -16.44 -10.51 6.09
N LEU A 385 -15.94 -9.80 5.06
CA LEU A 385 -15.36 -8.48 5.33
C LEU A 385 -16.45 -7.45 5.63
N LYS A 386 -17.59 -7.55 4.92
CA LYS A 386 -18.71 -6.65 5.19
C LYS A 386 -19.32 -6.99 6.54
N ALA A 387 -19.40 -8.29 6.90
CA ALA A 387 -20.00 -8.67 8.18
C ALA A 387 -19.19 -8.16 9.38
N LEU A 388 -17.89 -8.37 9.39
CA LEU A 388 -17.05 -7.93 10.50
C LEU A 388 -17.06 -6.39 10.65
N SER A 389 -16.79 -5.65 9.56
CA SER A 389 -16.69 -4.19 9.58
C SER A 389 -18.02 -3.55 9.98
N LYS A 390 -19.16 -4.15 9.58
CA LYS A 390 -20.50 -3.65 9.92
C LYS A 390 -20.76 -3.78 11.42
N ALA A 391 -20.44 -4.96 12.01
CA ALA A 391 -20.59 -5.24 13.44
C ALA A 391 -19.75 -4.27 14.28
N ARG A 392 -18.62 -3.79 13.70
CA ARG A 392 -17.69 -2.84 14.34
C ARG A 392 -18.18 -1.38 14.18
N GLY A 393 -19.31 -1.18 13.51
CA GLY A 393 -19.92 0.15 13.35
C GLY A 393 -19.45 0.95 12.14
N ALA A 394 -18.70 0.34 11.23
CA ALA A 394 -18.15 1.04 10.06
C ALA A 394 -17.93 0.04 8.92
N GLU A 395 -19.02 -0.30 8.21
CA GLU A 395 -18.99 -1.25 7.10
C GLU A 395 -18.14 -0.73 5.94
N VAL A 396 -17.28 -1.61 5.41
CA VAL A 396 -16.43 -1.38 4.24
C VAL A 396 -17.36 -1.36 2.99
N SER A 397 -17.20 -0.40 2.08
CA SER A 397 -18.09 -0.43 0.92
C SER A 397 -17.42 -1.14 -0.28
N VAL A 398 -16.09 -0.98 -0.48
CA VAL A 398 -15.39 -1.66 -1.57
C VAL A 398 -14.48 -2.75 -1.02
N VAL A 399 -14.81 -4.02 -1.27
CA VAL A 399 -14.02 -5.16 -0.78
C VAL A 399 -12.92 -5.48 -1.79
N ASN A 400 -11.66 -5.24 -1.39
CA ASN A 400 -10.45 -5.52 -2.18
C ASN A 400 -9.35 -5.78 -1.19
N MSE A 401 -8.12 -6.07 -1.66
CA MSE A 401 -6.96 -6.37 -0.80
C MSE A 401 -6.64 -5.24 0.15
O MSE A 401 -6.32 -5.50 1.32
CB MSE A 401 -5.68 -6.67 -1.65
CG MSE A 401 -5.10 -8.07 -1.45
SE MSE A 401 -5.12 -8.89 0.39
CE MSE A 401 -3.19 -9.14 0.70
N GLU A 402 -6.71 -4.00 -0.33
CA GLU A 402 -6.43 -2.79 0.42
C GLU A 402 -7.38 -2.65 1.56
N ALA A 403 -8.68 -3.01 1.37
CA ALA A 403 -9.73 -2.97 2.43
C ALA A 403 -9.44 -4.01 3.51
N LEU A 404 -8.92 -5.18 3.09
CA LEU A 404 -8.58 -6.27 4.00
C LEU A 404 -7.40 -5.83 4.87
N GLN A 405 -6.37 -5.25 4.26
CA GLN A 405 -5.16 -4.84 4.96
C GLN A 405 -5.50 -3.80 6.00
N ALA A 406 -6.34 -2.81 5.64
CA ALA A 406 -6.84 -1.77 6.53
C ALA A 406 -7.70 -2.39 7.66
N GLU A 407 -8.65 -3.25 7.29
CA GLU A 407 -9.56 -3.90 8.26
C GLU A 407 -8.79 -4.75 9.27
N ARG A 408 -7.83 -5.62 8.79
CA ARG A 408 -6.96 -6.46 9.62
C ARG A 408 -6.13 -5.58 10.57
N THR A 409 -5.54 -4.48 10.07
CA THR A 409 -4.76 -3.55 10.89
C THR A 409 -5.69 -2.91 11.95
N ARG A 410 -6.92 -2.46 11.59
CA ARG A 410 -7.85 -1.87 12.57
C ARG A 410 -8.21 -2.86 13.69
N GLU A 411 -8.40 -4.12 13.30
CA GLU A 411 -8.89 -5.14 14.21
C GLU A 411 -7.81 -5.73 15.10
N LEU A 412 -6.61 -6.01 14.55
CA LEU A 412 -5.58 -6.71 15.32
C LEU A 412 -4.51 -5.79 15.91
N ILE A 413 -4.80 -4.47 15.99
CA ILE A 413 -3.90 -3.50 16.61
C ILE A 413 -3.65 -3.93 18.08
N GLY A 414 -2.40 -3.86 18.53
CA GLY A 414 -1.95 -4.25 19.87
C GLY A 414 -1.61 -5.72 20.06
N GLU A 415 -2.00 -6.58 19.10
CA GLU A 415 -1.86 -8.03 19.16
C GLU A 415 -0.60 -8.61 18.45
N GLY A 416 0.25 -7.73 17.91
CA GLY A 416 1.51 -8.12 17.25
C GLY A 416 1.33 -8.89 15.97
N SER A 417 0.46 -8.38 15.08
CA SER A 417 0.18 -8.97 13.77
C SER A 417 0.85 -8.20 12.63
N ARG A 418 0.95 -6.88 12.76
CA ARG A 418 1.39 -5.91 11.76
C ARG A 418 2.78 -6.19 11.21
N LEU A 419 3.79 -6.51 12.07
CA LEU A 419 5.13 -6.82 11.58
C LEU A 419 5.07 -7.96 10.58
N ARG A 420 4.34 -9.02 10.92
CA ARG A 420 4.16 -10.22 10.08
C ARG A 420 3.45 -9.85 8.77
N ASP A 421 2.38 -9.07 8.88
CA ASP A 421 1.53 -8.62 7.77
C ASP A 421 2.31 -7.76 6.75
N MSE A 422 3.17 -6.83 7.24
CA MSE A 422 4.00 -5.99 6.37
C MSE A 422 4.89 -6.86 5.45
O MSE A 422 5.05 -6.54 4.27
CB MSE A 422 4.92 -5.09 7.19
CG MSE A 422 4.25 -3.98 7.93
SE MSE A 422 5.61 -3.30 9.21
CE MSE A 422 6.72 -2.27 7.94
N VAL A 423 5.49 -7.92 6.03
CA VAL A 423 6.40 -8.84 5.34
C VAL A 423 5.62 -9.66 4.31
N ARG A 424 4.43 -10.19 4.68
CA ARG A 424 3.62 -10.97 3.75
C ARG A 424 3.07 -10.09 2.63
N TRP A 425 2.86 -8.78 2.91
CA TRP A 425 2.27 -7.88 1.93
C TRP A 425 3.30 -7.01 1.18
N SER A 426 4.61 -7.28 1.35
CA SER A 426 5.74 -6.54 0.74
C SER A 426 5.63 -5.04 1.04
N ILE A 427 5.36 -4.71 2.30
CA ILE A 427 5.31 -3.31 2.73
C ILE A 427 6.64 -2.98 3.49
N PRO A 428 7.49 -2.07 2.94
CA PRO A 428 8.68 -1.64 3.71
C PRO A 428 8.27 -0.69 4.85
N ASN A 429 9.17 -0.46 5.82
CA ASN A 429 8.87 0.46 6.91
C ASN A 429 9.10 1.92 6.47
N ASN A 430 7.99 2.66 6.24
CA ASN A 430 7.96 4.05 5.77
C ASN A 430 7.83 5.09 6.89
N HIS A 431 8.14 4.65 8.15
CA HIS A 431 8.18 5.40 9.41
C HIS A 431 8.61 6.86 9.24
N ASP A 432 9.77 7.09 8.56
CA ASP A 432 10.37 8.43 8.39
C ASP A 432 9.47 9.41 7.64
N ALA A 433 8.52 8.93 6.82
CA ALA A 433 7.60 9.78 6.05
C ALA A 433 6.29 10.10 6.79
N PHE A 434 5.97 9.35 7.86
CA PHE A 434 4.67 9.45 8.51
C PHE A 434 4.51 10.68 9.38
N GLU A 435 3.30 11.28 9.30
CA GLU A 435 2.90 12.44 10.07
C GLU A 435 2.46 11.95 11.45
N THR A 436 3.01 12.58 12.50
CA THR A 436 2.65 12.26 13.88
C THR A 436 1.33 12.98 14.20
N GLN A 437 0.54 12.51 15.20
CA GLN A 437 -0.75 13.14 15.59
C GLN A 437 -0.56 14.61 15.96
N PRO A 438 -1.18 15.55 15.19
CA PRO A 438 -0.94 17.00 15.38
C PRO A 438 -1.19 17.56 16.80
N GLY A 439 -2.15 17.02 17.55
CA GLY A 439 -2.42 17.46 18.90
C GLY A 439 -1.39 16.98 19.93
N LEU A 440 -0.46 16.12 19.48
CA LEU A 440 0.60 15.52 20.30
C LEU A 440 1.99 16.13 20.03
N GLU A 441 2.02 17.34 19.43
CA GLU A 441 3.24 18.10 19.14
C GLU A 441 3.93 18.43 20.47
N GLY A 442 5.21 18.07 20.55
CA GLY A 442 6.00 18.25 21.74
C GLY A 442 5.97 17.06 22.68
N PHE A 443 5.09 16.06 22.42
CA PHE A 443 4.97 14.85 23.22
C PHE A 443 5.44 13.69 22.38
N ALA A 444 4.85 13.56 21.17
CA ALA A 444 5.21 12.56 20.18
C ALA A 444 6.59 12.91 19.60
N ASN A 445 7.47 11.89 19.44
CA ASN A 445 8.82 12.10 18.91
C ASN A 445 8.83 12.01 17.41
N THR A 446 9.67 12.82 16.79
CA THR A 446 9.86 12.92 15.34
C THR A 446 11.16 12.18 14.95
N THR A 447 11.56 11.14 15.72
CA THR A 447 12.83 10.41 15.54
C THR A 447 12.83 9.50 14.31
N PRO A 448 13.81 9.67 13.41
CA PRO A 448 13.93 8.74 12.26
C PRO A 448 14.48 7.38 12.65
N LEU A 449 14.22 6.35 11.82
CA LEU A 449 14.77 5.00 12.02
C LEU A 449 16.28 5.05 12.07
N LYS A 450 16.87 4.29 13.02
CA LYS A 450 18.32 4.15 13.21
C LYS A 450 18.88 3.31 12.06
N ALA A 451 18.09 2.36 11.57
CA ALA A 451 18.34 1.53 10.38
C ALA A 451 17.04 1.42 9.58
N GLN A 452 17.12 1.62 8.28
CA GLN A 452 15.97 1.44 7.40
C GLN A 452 15.59 -0.04 7.37
N ALA A 453 14.29 -0.31 7.15
CA ALA A 453 13.80 -1.68 7.05
C ALA A 453 13.12 -1.90 5.68
N PRO A 454 13.89 -2.06 4.58
CA PRO A 454 13.23 -2.28 3.27
C PRO A 454 12.67 -3.69 3.15
N VAL A 455 11.88 -3.96 2.08
CA VAL A 455 11.33 -5.30 1.82
C VAL A 455 12.52 -6.31 1.81
N GLY A 456 12.38 -7.37 2.59
CA GLY A 456 13.36 -8.43 2.68
C GLY A 456 14.49 -8.21 3.68
N PHE A 457 14.48 -7.09 4.42
CA PHE A 457 15.55 -6.80 5.39
C PHE A 457 15.56 -7.88 6.47
N TYR A 458 16.75 -8.38 6.83
CA TYR A 458 16.89 -9.48 7.78
C TYR A 458 16.31 -9.18 9.18
N ALA A 459 16.39 -7.92 9.66
CA ALA A 459 16.03 -7.58 11.05
C ALA A 459 14.53 -7.68 11.35
N TYR A 460 13.70 -8.03 10.33
CA TYR A 460 12.29 -8.36 10.52
C TYR A 460 12.19 -9.65 11.36
N THR A 461 13.25 -10.48 11.31
CA THR A 461 13.46 -11.69 12.08
C THR A 461 14.48 -11.34 13.20
N TRP A 462 14.24 -11.85 14.40
CA TRP A 462 15.10 -11.58 15.55
C TRP A 462 16.29 -12.53 15.55
N GLU A 463 17.37 -12.08 16.23
CA GLU A 463 18.55 -12.86 16.41
C GLU A 463 18.33 -13.74 17.64
N PHE A 464 18.93 -14.94 17.65
CA PHE A 464 18.88 -15.88 18.79
C PHE A 464 19.51 -15.21 20.00
N PRO A 465 18.99 -15.35 21.24
CA PRO A 465 19.63 -14.65 22.39
C PRO A 465 21.14 -14.95 22.49
N GLN A 466 21.91 -13.94 22.94
CA GLN A 466 23.37 -13.99 23.08
C GLN A 466 23.87 -15.15 23.98
N ARG A 467 23.25 -15.34 25.18
CA ARG A 467 23.63 -16.42 26.12
C ARG A 467 23.53 -17.80 25.46
N ASP A 468 22.51 -18.05 24.61
CA ASP A 468 22.29 -19.29 23.87
C ASP A 468 23.34 -19.47 22.78
N ARG A 469 23.69 -18.39 22.06
CA ARG A 469 24.70 -18.42 21.01
C ARG A 469 26.08 -18.70 21.60
N GLN A 470 26.36 -18.22 22.83
CA GLN A 470 27.63 -18.41 23.55
C GLN A 470 27.79 -19.80 24.13
N THR A 471 26.69 -20.43 24.64
CA THR A 471 26.76 -21.76 25.27
C THR A 471 26.50 -22.92 24.27
N ASN A 472 25.92 -22.62 23.08
CA ASN A 472 25.65 -23.64 22.06
C ASN A 472 26.44 -23.33 20.76
N PRO A 473 27.62 -23.96 20.59
CA PRO A 473 28.43 -23.69 19.39
C PRO A 473 27.84 -24.28 18.11
N GLN A 474 26.80 -25.13 18.23
CA GLN A 474 26.12 -25.73 17.07
C GLN A 474 25.02 -24.82 16.54
N LEU A 475 24.64 -23.81 17.31
CA LEU A 475 23.60 -22.86 16.92
C LEU A 475 24.14 -21.84 15.89
N ILE A 476 23.57 -21.85 14.66
CA ILE A 476 23.93 -20.89 13.61
C ILE A 476 23.04 -19.63 13.80
N LYS A 477 23.68 -18.47 13.92
CA LYS A 477 23.02 -17.17 14.11
C LYS A 477 22.30 -16.74 12.81
N ASN A 478 21.34 -15.79 12.92
CA ASN A 478 20.53 -15.31 11.81
C ASN A 478 21.11 -14.09 11.09
N TRP A 479 21.64 -13.12 11.87
CA TRP A 479 22.06 -11.83 11.37
C TRP A 479 23.43 -11.79 10.76
N PRO A 480 23.58 -11.13 9.57
CA PRO A 480 24.92 -11.00 8.97
C PRO A 480 25.70 -9.85 9.63
N ILE A 481 26.92 -9.52 9.11
CA ILE A 481 27.83 -8.43 9.54
C ILE A 481 28.59 -8.87 10.79
N ASP B 10 -5.39 28.20 -2.53
CA ASP B 10 -6.20 28.23 -1.32
C ASP B 10 -5.32 28.62 -0.09
N PHE B 11 -5.96 28.91 1.06
CA PHE B 11 -5.31 29.35 2.31
C PHE B 11 -5.28 28.24 3.39
N GLN B 12 -5.08 28.67 4.66
CA GLN B 12 -4.91 27.81 5.85
C GLN B 12 -6.13 27.80 6.81
N GLN B 13 -7.13 28.67 6.57
CA GLN B 13 -8.31 28.72 7.42
C GLN B 13 -9.28 27.55 7.09
N PRO B 14 -9.72 26.74 8.09
CA PRO B 14 -10.68 25.65 7.80
C PRO B 14 -12.03 26.22 7.33
N TYR B 15 -12.77 25.42 6.54
CA TYR B 15 -14.06 25.80 5.95
C TYR B 15 -15.15 25.88 7.02
N THR B 16 -16.14 26.79 6.83
CA THR B 16 -17.21 27.04 7.79
C THR B 16 -18.61 26.68 7.23
N SER B 17 -18.71 26.37 5.92
CA SER B 17 -19.97 26.00 5.28
C SER B 17 -19.72 25.11 4.07
N PHE B 18 -20.79 24.46 3.60
CA PHE B 18 -20.78 23.61 2.42
C PHE B 18 -20.52 24.42 1.15
N VAL B 19 -21.10 25.62 1.05
CA VAL B 19 -20.97 26.54 -0.07
C VAL B 19 -19.48 26.92 -0.24
N GLN B 20 -18.80 27.28 0.88
CA GLN B 20 -17.39 27.61 0.89
C GLN B 20 -16.55 26.44 0.38
N THR B 21 -16.86 25.21 0.88
CA THR B 21 -16.20 23.94 0.52
C THR B 21 -16.31 23.68 -1.00
N LYS B 22 -17.54 23.79 -1.56
CA LYS B 22 -17.84 23.56 -2.97
C LYS B 22 -17.16 24.62 -3.85
N GLN B 23 -17.08 25.88 -3.39
CA GLN B 23 -16.40 26.96 -4.13
C GLN B 23 -14.89 26.68 -4.26
N ASN B 24 -14.27 26.16 -3.19
CA ASN B 24 -12.84 25.83 -3.17
C ASN B 24 -12.56 24.56 -3.98
N ARG B 25 -13.55 23.66 -4.04
CA ARG B 25 -13.49 22.44 -4.85
C ARG B 25 -13.47 22.84 -6.33
N ASP B 26 -14.34 23.79 -6.71
CA ASP B 26 -14.38 24.29 -8.09
C ASP B 26 -13.09 25.07 -8.42
N GLY B 27 -12.49 25.72 -7.41
CA GLY B 27 -11.22 26.43 -7.56
C GLY B 27 -10.08 25.48 -7.89
N LEU B 28 -10.10 24.28 -7.27
CA LEU B 28 -9.12 23.22 -7.45
C LEU B 28 -9.21 22.63 -8.88
N TYR B 29 -10.43 22.47 -9.44
CA TYR B 29 -10.64 21.95 -10.79
C TYR B 29 -10.20 22.98 -11.83
N ALA B 30 -10.38 24.29 -11.52
CA ALA B 30 -9.94 25.38 -12.39
C ALA B 30 -8.40 25.38 -12.47
N LEU B 31 -7.71 25.08 -11.37
CA LEU B 31 -6.25 24.98 -11.31
C LEU B 31 -5.76 23.74 -12.09
N LEU B 32 -6.44 22.60 -11.91
CA LEU B 32 -6.12 21.31 -12.55
C LEU B 32 -6.08 21.46 -14.10
N ARG B 33 -7.05 22.19 -14.66
CA ARG B 33 -7.18 22.47 -16.08
C ARG B 33 -5.92 23.09 -16.68
N ASN B 34 -5.24 23.98 -15.93
CA ASN B 34 -4.02 24.64 -16.38
C ASN B 34 -2.73 23.92 -15.96
N THR B 35 -2.87 22.79 -15.25
CA THR B 35 -1.75 21.99 -14.74
C THR B 35 -1.66 20.67 -15.51
N GLU B 36 -2.69 19.82 -15.41
CA GLU B 36 -2.80 18.54 -16.11
C GLU B 36 -3.33 18.87 -17.53
N ASN B 37 -2.51 19.63 -18.24
CA ASN B 37 -2.76 20.22 -19.54
C ASN B 37 -1.79 19.65 -20.58
N PRO B 38 -2.22 19.42 -21.86
CA PRO B 38 -1.30 18.85 -22.88
C PRO B 38 -0.04 19.69 -23.12
N ARG B 39 -0.09 21.02 -22.85
CA ARG B 39 1.05 21.92 -23.01
C ARG B 39 2.20 21.59 -22.03
N MSE B 40 1.89 20.97 -20.88
CA MSE B 40 2.92 20.60 -19.89
C MSE B 40 3.61 19.27 -20.25
O MSE B 40 4.68 18.99 -19.71
CB MSE B 40 2.36 20.53 -18.46
CG MSE B 40 1.98 21.89 -17.87
SE MSE B 40 3.43 23.26 -17.77
CE MSE B 40 2.36 24.85 -17.25
N HIS B 41 3.02 18.49 -21.15
CA HIS B 41 3.56 17.17 -21.49
C HIS B 41 4.23 17.13 -22.87
N PHE B 42 4.37 18.29 -23.55
CA PHE B 42 5.03 18.36 -24.85
C PHE B 42 6.55 18.22 -24.71
N TYR B 43 7.13 18.64 -23.57
CA TYR B 43 8.57 18.56 -23.31
C TYR B 43 9.04 17.09 -23.25
N GLN B 44 8.39 16.26 -22.41
CA GLN B 44 8.74 14.83 -22.32
C GLN B 44 8.43 14.13 -23.66
N GLU B 45 7.40 14.60 -24.40
CA GLU B 45 7.02 14.10 -25.73
C GLU B 45 8.17 14.29 -26.75
N LEU B 46 8.73 15.50 -26.81
CA LEU B 46 9.80 15.89 -27.74
C LEU B 46 11.16 15.27 -27.41
N GLN B 47 11.38 14.90 -26.14
CA GLN B 47 12.63 14.26 -25.68
C GLN B 47 12.73 12.76 -26.11
N SER B 48 11.61 12.17 -26.57
CA SER B 48 11.56 10.78 -27.04
C SER B 48 12.34 10.62 -28.38
N ASP B 49 12.31 9.40 -28.97
CA ASP B 49 13.01 9.06 -30.23
C ASP B 49 12.12 9.24 -31.46
N MSE B 50 11.05 10.06 -31.38
CA MSE B 50 10.09 10.17 -32.49
C MSE B 50 10.20 11.39 -33.41
O MSE B 50 9.68 11.33 -34.53
CB MSE B 50 8.68 10.14 -31.92
CG MSE B 50 8.32 8.80 -31.32
SE MSE B 50 6.45 8.70 -30.83
CE MSE B 50 6.29 10.28 -29.71
N TYR B 51 10.84 12.48 -32.96
CA TYR B 51 10.91 13.73 -33.73
C TYR B 51 12.30 14.17 -34.09
N CYS B 52 12.37 14.99 -35.14
CA CYS B 52 13.54 15.76 -35.53
C CYS B 52 13.07 17.21 -35.51
N THR B 53 14.00 18.16 -35.33
CA THR B 53 13.62 19.58 -35.38
C THR B 53 13.50 20.02 -36.84
N THR B 54 12.90 21.19 -37.08
CA THR B 54 12.84 21.76 -38.42
C THR B 54 13.64 23.07 -38.41
N ILE B 55 13.77 23.74 -39.57
CA ILE B 55 14.51 25.01 -39.67
C ILE B 55 13.74 26.13 -38.93
N THR B 56 12.40 25.95 -38.70
CA THR B 56 11.52 26.89 -37.98
C THR B 56 11.90 26.93 -36.49
N ASP B 57 12.56 25.89 -35.96
CA ASP B 57 12.97 25.85 -34.56
C ASP B 57 14.15 26.79 -34.31
N GLY B 58 13.97 27.65 -33.32
CA GLY B 58 14.98 28.60 -32.91
C GLY B 58 15.57 28.18 -31.59
N ASN B 59 16.07 26.91 -31.53
CA ASN B 59 16.64 26.26 -30.34
C ASN B 59 15.62 26.22 -29.16
N SER B 60 14.31 26.21 -29.48
CA SER B 60 13.25 26.14 -28.47
C SER B 60 12.92 24.68 -28.11
N LEU B 61 12.71 23.82 -29.12
CA LEU B 61 12.36 22.42 -28.90
C LEU B 61 13.60 21.50 -29.02
N ALA B 62 14.66 21.98 -29.73
CA ALA B 62 15.94 21.28 -29.91
C ALA B 62 16.59 20.78 -28.59
N PRO B 63 16.56 21.50 -27.44
CA PRO B 63 17.20 20.95 -26.23
C PRO B 63 16.63 19.59 -25.82
N PHE B 64 15.32 19.37 -26.02
CA PHE B 64 14.66 18.11 -25.71
C PHE B 64 14.94 17.09 -26.79
N VAL B 65 14.75 17.49 -28.08
CA VAL B 65 14.92 16.62 -29.25
C VAL B 65 16.36 16.09 -29.39
N ASN B 66 17.35 16.98 -29.27
CA ASN B 66 18.75 16.62 -29.46
C ASN B 66 19.50 16.34 -28.14
N TRP B 67 18.77 16.26 -27.02
CA TRP B 67 19.31 15.94 -25.69
C TRP B 67 20.50 16.83 -25.35
N ASP B 68 20.26 18.14 -25.37
CA ASP B 68 21.26 19.17 -25.02
C ASP B 68 21.21 19.32 -23.50
N LEU B 69 22.03 18.50 -22.82
CA LEU B 69 22.13 18.36 -21.37
C LEU B 69 22.44 19.65 -20.60
N GLY B 70 23.28 20.51 -21.17
CA GLY B 70 23.66 21.81 -20.60
C GLY B 70 22.48 22.75 -20.42
N ILE B 71 21.52 22.71 -21.37
CA ILE B 71 20.30 23.52 -21.34
C ILE B 71 19.24 22.83 -20.48
N LEU B 72 19.03 21.51 -20.66
CA LEU B 72 18.05 20.72 -19.92
C LEU B 72 18.31 20.72 -18.41
N ASN B 73 19.57 20.81 -18.00
CA ASN B 73 20.00 20.85 -16.60
C ASN B 73 19.17 21.82 -15.74
N ASP B 74 18.99 23.07 -16.21
CA ASP B 74 18.27 24.17 -15.53
C ASP B 74 17.15 24.76 -16.41
N HIS B 75 16.57 23.95 -17.30
CA HIS B 75 15.58 24.39 -18.28
C HIS B 75 14.29 24.96 -17.70
N GLY B 76 13.79 25.97 -18.38
CA GLY B 76 12.50 26.59 -18.11
C GLY B 76 12.47 27.75 -17.15
N ARG B 77 11.26 28.22 -16.87
CA ARG B 77 11.01 29.35 -16.00
C ARG B 77 9.80 29.12 -15.13
N ALA B 78 9.83 29.72 -13.93
CA ALA B 78 8.78 29.69 -12.93
C ALA B 78 8.85 30.99 -12.12
N ASP B 79 8.42 32.09 -12.75
CA ASP B 79 8.40 33.42 -12.15
C ASP B 79 7.08 34.12 -12.53
N GLU B 80 6.90 35.39 -12.05
CA GLU B 80 5.72 36.24 -12.25
C GLU B 80 5.41 36.52 -13.73
N ASP B 81 6.41 36.37 -14.62
CA ASP B 81 6.27 36.65 -16.04
C ASP B 81 6.13 35.40 -16.92
N GLU B 82 6.69 34.24 -16.48
CA GLU B 82 6.60 33.00 -17.27
C GLU B 82 6.69 31.77 -16.40
N VAL B 83 5.89 30.76 -16.76
CA VAL B 83 5.84 29.41 -16.20
C VAL B 83 5.93 28.48 -17.42
N SER B 84 7.12 27.94 -17.69
CA SER B 84 7.40 27.09 -18.85
C SER B 84 8.52 26.08 -18.60
N GLY B 85 8.65 25.10 -19.50
CA GLY B 85 9.70 24.09 -19.45
C GLY B 85 9.72 23.20 -18.22
N ILE B 86 10.89 22.61 -17.95
CA ILE B 86 11.14 21.70 -16.82
C ILE B 86 10.82 22.43 -15.48
N ALA B 87 11.29 23.68 -15.31
CA ALA B 87 11.04 24.46 -14.09
C ALA B 87 9.55 24.77 -13.91
N GLY B 88 8.84 25.04 -15.02
CA GLY B 88 7.41 25.29 -15.02
C GLY B 88 6.58 24.07 -14.67
N TYR B 89 6.96 22.89 -15.21
CA TYR B 89 6.31 21.60 -14.93
C TYR B 89 6.39 21.30 -13.43
N TYR B 90 7.62 21.40 -12.86
CA TYR B 90 7.88 21.14 -11.46
C TYR B 90 7.07 22.07 -10.57
N PHE B 91 7.02 23.36 -10.95
CA PHE B 91 6.30 24.40 -10.21
C PHE B 91 4.79 24.13 -10.15
N VAL B 92 4.13 23.95 -11.34
CA VAL B 92 2.66 23.78 -11.43
C VAL B 92 2.17 22.51 -10.73
N TYR B 93 2.92 21.40 -10.77
CA TYR B 93 2.49 20.19 -10.09
C TYR B 93 2.67 20.32 -8.57
N ASN B 94 3.72 21.04 -8.09
CA ASN B 94 3.87 21.29 -6.65
C ASN B 94 2.79 22.24 -6.18
N ARG B 95 2.46 23.28 -6.99
CA ARG B 95 1.37 24.22 -6.69
C ARG B 95 0.00 23.47 -6.64
N LEU B 96 -0.19 22.48 -7.55
CA LEU B 96 -1.41 21.66 -7.54
C LEU B 96 -1.45 20.81 -6.27
N ASN B 97 -0.30 20.22 -5.87
CA ASN B 97 -0.23 19.39 -4.65
C ASN B 97 -0.58 20.24 -3.41
N GLN B 98 -0.02 21.48 -3.34
CA GLN B 98 -0.19 22.46 -2.28
C GLN B 98 -1.64 22.89 -2.10
N GLN B 99 -2.34 23.19 -3.21
CA GLN B 99 -3.73 23.62 -3.16
C GLN B 99 -4.65 22.43 -2.88
N ALA B 100 -4.30 21.20 -3.33
CA ALA B 100 -5.11 20.01 -3.01
C ALA B 100 -5.00 19.71 -1.51
N ASN B 101 -3.80 19.94 -0.90
CA ASN B 101 -3.51 19.84 0.55
C ASN B 101 -4.40 20.78 1.34
N ALA B 102 -4.45 22.05 0.92
CA ALA B 102 -5.27 23.06 1.55
C ALA B 102 -6.75 22.62 1.52
N PHE B 103 -7.23 22.14 0.35
CA PHE B 103 -8.59 21.67 0.17
C PHE B 103 -8.91 20.48 1.07
N VAL B 104 -8.06 19.42 1.02
CA VAL B 104 -8.20 18.17 1.78
C VAL B 104 -8.17 18.44 3.29
N ASN B 105 -7.15 19.17 3.79
CA ASN B 105 -7.00 19.46 5.22
C ASN B 105 -8.11 20.36 5.76
N ASN B 106 -8.53 21.39 4.99
CA ASN B 106 -9.60 22.29 5.41
C ASN B 106 -10.97 21.60 5.36
N THR B 107 -11.17 20.58 4.46
CA THR B 107 -12.43 19.82 4.41
C THR B 107 -12.46 18.84 5.59
N GLU B 108 -11.33 18.17 5.86
CA GLU B 108 -11.18 17.26 7.01
C GLU B 108 -11.44 18.00 8.32
N ALA B 109 -10.92 19.24 8.44
CA ALA B 109 -11.11 20.09 9.60
C ALA B 109 -12.58 20.51 9.70
N ALA B 110 -13.20 20.93 8.58
CA ALA B 110 -14.63 21.31 8.52
C ALA B 110 -15.52 20.14 8.92
N LEU B 111 -15.12 18.88 8.55
CA LEU B 111 -15.86 17.68 8.89
C LEU B 111 -15.75 17.39 10.41
N GLN B 112 -14.51 17.56 10.97
CA GLN B 112 -14.19 17.37 12.40
C GLN B 112 -14.87 18.42 13.28
N ASN B 113 -14.92 19.67 12.80
CA ASN B 113 -15.56 20.81 13.48
C ASN B 113 -17.10 20.75 13.42
N GLN B 114 -17.66 19.74 12.68
CA GLN B 114 -19.09 19.48 12.47
C GLN B 114 -19.83 20.78 12.06
N VAL B 115 -19.32 21.48 11.03
CA VAL B 115 -19.86 22.76 10.56
C VAL B 115 -21.01 22.57 9.54
N TYR B 116 -21.18 21.34 8.98
CA TYR B 116 -22.21 21.08 7.97
C TYR B 116 -23.61 20.94 8.60
N LYS B 117 -24.63 21.39 7.84
CA LYS B 117 -26.04 21.49 8.21
C LYS B 117 -26.78 20.17 8.37
N ASN B 118 -26.50 19.18 7.50
CA ASN B 118 -27.22 17.90 7.50
C ASN B 118 -26.31 16.76 7.01
N SER B 119 -26.85 15.53 6.96
CA SER B 119 -26.13 14.33 6.55
C SER B 119 -25.75 14.34 5.05
N THR B 120 -26.52 15.07 4.22
CA THR B 120 -26.26 15.17 2.78
C THR B 120 -25.01 16.03 2.56
N GLU B 121 -24.89 17.15 3.29
CA GLU B 121 -23.73 18.05 3.21
C GLU B 121 -22.47 17.30 3.66
N ILE B 122 -22.58 16.48 4.74
CA ILE B 122 -21.49 15.68 5.30
C ILE B 122 -21.05 14.63 4.26
N ALA B 123 -22.00 13.87 3.66
CA ALA B 123 -21.75 12.82 2.67
C ALA B 123 -21.10 13.38 1.40
N ASN B 124 -21.56 14.54 0.94
CA ASN B 124 -21.02 15.19 -0.25
C ASN B 124 -19.64 15.75 0.02
N ALA B 125 -19.42 16.34 1.24
CA ALA B 125 -18.11 16.87 1.63
C ALA B 125 -17.07 15.76 1.73
N LYS B 126 -17.46 14.55 2.21
CA LYS B 126 -16.55 13.38 2.30
C LYS B 126 -16.14 12.92 0.91
N SER B 127 -17.09 13.00 -0.04
CA SER B 127 -16.92 12.64 -1.44
C SER B 127 -15.95 13.63 -2.10
N PHE B 128 -16.10 14.96 -1.84
CA PHE B 128 -15.20 16.02 -2.33
C PHE B 128 -13.79 15.79 -1.81
N LEU B 129 -13.70 15.46 -0.51
CA LEU B 129 -12.45 15.12 0.16
C LEU B 129 -11.73 13.96 -0.58
N ALA B 130 -12.49 12.94 -1.04
CA ALA B 130 -11.94 11.79 -1.79
C ALA B 130 -11.40 12.23 -3.17
N GLU B 131 -12.08 13.21 -3.82
CA GLU B 131 -11.65 13.78 -5.11
C GLU B 131 -10.31 14.52 -4.95
N GLY B 132 -10.17 15.27 -3.84
CA GLY B 132 -8.95 15.99 -3.49
C GLY B 132 -7.76 15.06 -3.32
N LYS B 133 -7.99 13.89 -2.67
CA LYS B 133 -6.98 12.85 -2.46
C LYS B 133 -6.44 12.30 -3.79
N VAL B 134 -7.33 12.06 -4.79
CA VAL B 134 -6.95 11.61 -6.13
C VAL B 134 -6.02 12.66 -6.77
N LEU B 135 -6.33 13.94 -6.56
CA LEU B 135 -5.54 15.04 -7.12
C LEU B 135 -4.20 15.18 -6.41
N GLN B 136 -4.09 14.80 -5.12
CA GLN B 136 -2.82 14.80 -4.36
C GLN B 136 -1.93 13.68 -4.95
N ALA B 137 -2.51 12.50 -5.15
CA ALA B 137 -1.86 11.34 -5.77
C ALA B 137 -1.37 11.65 -7.21
N LEU B 138 -2.19 12.36 -8.02
CA LEU B 138 -1.84 12.75 -9.40
C LEU B 138 -0.69 13.72 -9.44
N ALA B 139 -0.72 14.77 -8.57
CA ALA B 139 0.32 15.79 -8.49
C ALA B 139 1.67 15.17 -8.09
N ILE B 140 1.69 14.32 -7.03
CA ILE B 140 2.90 13.67 -6.55
C ILE B 140 3.40 12.64 -7.59
N TRP B 141 2.48 11.90 -8.26
CA TRP B 141 2.89 10.96 -9.29
C TRP B 141 3.49 11.66 -10.53
N ARG B 142 2.91 12.78 -10.98
CA ARG B 142 3.46 13.53 -12.13
C ARG B 142 4.85 14.08 -11.80
N LEU B 143 5.13 14.35 -10.51
CA LEU B 143 6.47 14.75 -10.09
C LEU B 143 7.40 13.50 -10.09
N MSE B 144 6.95 12.33 -9.56
CA MSE B 144 7.70 11.06 -9.56
C MSE B 144 8.12 10.63 -10.97
O MSE B 144 9.25 10.19 -11.19
CB MSE B 144 6.87 9.90 -8.93
CG MSE B 144 6.68 10.03 -7.44
SE MSE B 144 8.36 10.11 -6.47
CE MSE B 144 8.86 8.20 -6.60
N ASP B 145 7.17 10.73 -11.91
CA ASP B 145 7.31 10.35 -13.30
C ASP B 145 8.51 11.05 -13.98
N ARG B 146 8.73 12.35 -13.68
CA ARG B 146 9.82 13.11 -14.33
C ARG B 146 11.04 13.40 -13.45
N PHE B 147 10.93 13.30 -12.12
CA PHE B 147 12.06 13.66 -11.25
C PHE B 147 12.58 12.52 -10.36
N SER B 148 12.03 11.31 -10.48
CA SER B 148 12.59 10.16 -9.78
C SER B 148 13.09 9.17 -10.84
N PHE B 149 14.20 8.48 -10.55
CA PHE B 149 14.82 7.55 -11.49
C PHE B 149 14.08 6.23 -11.60
N HIS B 150 14.20 5.60 -12.77
CA HIS B 150 13.68 4.26 -13.01
C HIS B 150 14.69 3.29 -12.42
N GLU B 151 14.26 2.08 -12.08
CA GLU B 151 15.12 1.06 -11.46
C GLU B 151 16.33 0.68 -12.37
N SER B 152 16.17 0.76 -13.69
CA SER B 152 17.17 0.40 -14.70
C SER B 152 18.29 1.43 -14.88
N VAL B 153 18.20 2.61 -14.22
CA VAL B 153 19.20 3.68 -14.35
C VAL B 153 20.60 3.18 -13.93
N THR B 154 21.63 3.67 -14.62
CA THR B 154 23.03 3.34 -14.38
C THR B 154 23.63 4.44 -13.47
N GLU B 155 24.69 5.14 -13.91
CA GLU B 155 25.35 6.18 -13.11
C GLU B 155 24.40 7.35 -12.80
N VAL B 156 24.38 7.73 -11.54
CA VAL B 156 23.51 8.74 -10.95
C VAL B 156 24.32 9.51 -9.87
N ASN B 157 23.85 10.72 -9.46
CA ASN B 157 24.48 11.44 -8.36
C ASN B 157 24.31 10.61 -7.07
N SER B 158 25.42 10.33 -6.34
CA SER B 158 25.43 9.49 -5.13
C SER B 158 24.29 9.78 -4.15
N GLY B 159 23.49 8.76 -3.90
CA GLY B 159 22.36 8.84 -2.97
C GLY B 159 21.01 9.11 -3.58
N ALA B 160 20.96 9.52 -4.85
CA ALA B 160 19.72 9.86 -5.54
C ALA B 160 18.93 8.66 -6.11
N LYS B 161 19.59 7.51 -6.43
CA LYS B 161 18.91 6.37 -7.10
C LYS B 161 17.55 5.96 -6.51
N ASP B 162 17.42 5.90 -5.18
CA ASP B 162 16.16 5.44 -4.60
C ASP B 162 15.36 6.56 -3.95
N LEU B 163 15.60 7.80 -4.37
CA LEU B 163 14.87 8.95 -3.86
C LEU B 163 13.69 9.29 -4.75
N GLY B 164 12.63 9.76 -4.08
CA GLY B 164 11.40 10.22 -4.69
C GLY B 164 11.47 11.73 -4.87
N VAL B 165 10.50 12.44 -4.28
CA VAL B 165 10.39 13.90 -4.36
C VAL B 165 10.12 14.41 -2.94
N ILE B 166 10.14 15.74 -2.74
CA ILE B 166 9.82 16.34 -1.44
C ILE B 166 8.32 16.09 -1.21
N LEU B 167 8.01 15.32 -0.18
CA LEU B 167 6.65 14.92 0.13
C LEU B 167 6.07 15.85 1.21
N LEU B 168 5.31 16.87 0.79
CA LEU B 168 4.68 17.85 1.71
C LEU B 168 3.14 17.69 1.63
N LYS B 169 2.54 17.42 2.79
CA LYS B 169 1.13 17.12 2.98
C LYS B 169 0.29 18.29 3.51
N GLU B 170 0.93 19.41 3.82
CA GLU B 170 0.25 20.60 4.34
C GLU B 170 0.48 21.77 3.42
N TYR B 171 -0.50 22.71 3.32
CA TYR B 171 -0.29 23.94 2.55
C TYR B 171 0.74 24.78 3.35
N ASN B 172 2.00 24.71 2.92
CA ASN B 172 3.08 25.37 3.60
C ASN B 172 4.11 25.86 2.56
N PRO B 173 3.92 27.09 2.00
CA PRO B 173 4.91 27.61 1.04
C PRO B 173 6.17 28.08 1.78
N GLY B 174 7.33 27.82 1.17
CA GLY B 174 8.63 28.16 1.73
C GLY B 174 9.29 27.05 2.51
N TYR B 175 8.61 25.89 2.58
CA TYR B 175 9.04 24.69 3.30
C TYR B 175 10.41 24.18 2.77
N ILE B 176 11.36 23.94 3.71
CA ILE B 176 12.69 23.40 3.37
C ILE B 176 12.77 21.98 3.97
N GLY B 177 12.83 20.99 3.08
CA GLY B 177 12.88 19.58 3.47
C GLY B 177 13.60 18.67 2.46
N PRO B 178 14.04 17.47 2.92
CA PRO B 178 14.70 16.55 1.99
C PRO B 178 13.69 15.72 1.16
N ARG B 179 14.19 15.06 0.11
CA ARG B 179 13.36 14.17 -0.70
C ARG B 179 13.06 12.91 0.11
N ALA B 180 11.82 12.42 0.00
CA ALA B 180 11.44 11.16 0.62
C ALA B 180 11.93 10.03 -0.30
N THR B 181 11.95 8.78 0.15
CA THR B 181 12.36 7.64 -0.68
C THR B 181 11.25 7.30 -1.70
N LYS B 182 11.58 6.51 -2.74
CA LYS B 182 10.62 6.08 -3.76
C LYS B 182 9.46 5.33 -3.08
N ALA B 183 9.78 4.42 -2.13
CA ALA B 183 8.79 3.61 -1.42
C ALA B 183 7.81 4.49 -0.62
N GLN B 184 8.32 5.52 0.07
CA GLN B 184 7.52 6.45 0.85
C GLN B 184 6.55 7.23 -0.04
N CYS B 185 7.02 7.71 -1.22
CA CYS B 185 6.21 8.49 -2.16
C CYS B 185 5.16 7.62 -2.84
N TYR B 186 5.53 6.39 -3.26
CA TYR B 186 4.55 5.51 -3.92
C TYR B 186 3.54 4.97 -2.93
N ASP B 187 3.92 4.80 -1.65
CA ASP B 187 2.99 4.32 -0.61
C ASP B 187 1.89 5.40 -0.38
N TYR B 188 2.27 6.69 -0.45
CA TYR B 188 1.38 7.85 -0.28
C TYR B 188 0.46 7.98 -1.51
N ILE B 189 1.01 7.95 -2.72
CA ILE B 189 0.23 8.01 -3.96
C ILE B 189 -0.89 6.93 -3.95
N LEU B 190 -0.50 5.67 -3.69
CA LEU B 190 -1.38 4.52 -3.75
C LEU B 190 -2.35 4.45 -2.58
N SER B 191 -1.98 4.97 -1.38
CA SER B 191 -2.89 4.99 -0.23
C SER B 191 -3.98 6.04 -0.47
N ARG B 192 -3.61 7.17 -1.12
CA ARG B 192 -4.54 8.24 -1.48
C ARG B 192 -5.61 7.72 -2.44
N LEU B 193 -5.19 7.02 -3.49
CA LEU B 193 -6.09 6.46 -4.51
C LEU B 193 -7.02 5.41 -3.92
N SER B 194 -6.45 4.51 -3.12
CA SER B 194 -7.11 3.46 -2.37
C SER B 194 -8.25 4.03 -1.45
N GLU B 195 -7.92 5.06 -0.63
CA GLU B 195 -8.87 5.71 0.29
C GLU B 195 -9.99 6.40 -0.50
N ALA B 196 -9.68 6.97 -1.69
CA ALA B 196 -10.64 7.65 -2.56
C ALA B 196 -11.59 6.66 -3.22
N ILE B 197 -11.07 5.52 -3.73
CA ILE B 197 -11.84 4.47 -4.40
C ILE B 197 -12.92 3.91 -3.44
N GLU B 198 -12.66 3.90 -2.13
CA GLU B 198 -13.60 3.37 -1.14
C GLU B 198 -14.80 4.33 -0.91
N VAL B 199 -14.63 5.64 -1.19
CA VAL B 199 -15.65 6.65 -0.91
C VAL B 199 -16.42 7.03 -2.17
N LEU B 200 -15.72 7.26 -3.29
CA LEU B 200 -16.35 7.68 -4.53
C LEU B 200 -17.33 6.61 -5.04
N PRO B 201 -18.54 7.03 -5.50
CA PRO B 201 -19.53 6.02 -5.95
C PRO B 201 -19.06 5.29 -7.20
N GLU B 202 -19.55 4.04 -7.37
CA GLU B 202 -19.20 3.18 -8.50
C GLU B 202 -19.48 3.89 -9.84
N ASN B 203 -20.62 4.60 -9.93
CA ASN B 203 -21.02 5.29 -11.13
C ASN B 203 -20.62 6.76 -11.12
N ARG B 204 -20.00 7.18 -12.22
CA ARG B 204 -19.50 8.53 -12.43
C ARG B 204 -20.64 9.56 -12.42
N GLU B 205 -20.53 10.57 -11.56
CA GLU B 205 -21.47 11.68 -11.45
C GLU B 205 -21.34 12.57 -12.71
N SER B 206 -20.10 12.98 -13.03
CA SER B 206 -19.82 13.87 -14.16
C SER B 206 -18.44 13.61 -14.76
N VAL B 207 -18.33 13.79 -16.08
CA VAL B 207 -17.09 13.67 -16.85
C VAL B 207 -16.09 14.79 -16.39
N LEU B 208 -16.64 15.88 -15.80
CA LEU B 208 -15.90 17.06 -15.37
C LEU B 208 -15.33 16.96 -13.94
N TYR B 209 -15.63 15.87 -13.22
CA TYR B 209 -15.19 15.70 -11.85
C TYR B 209 -14.57 14.35 -11.63
N VAL B 210 -13.60 14.29 -10.68
CA VAL B 210 -12.93 13.05 -10.28
C VAL B 210 -13.99 12.00 -9.91
N SER B 211 -13.85 10.79 -10.47
CA SER B 211 -14.76 9.69 -10.22
C SER B 211 -13.96 8.47 -9.79
N ARG B 212 -14.66 7.36 -9.35
CA ARG B 212 -13.98 6.14 -8.99
C ARG B 212 -13.33 5.52 -10.25
N ASP B 213 -13.99 5.67 -11.42
CA ASP B 213 -13.52 5.23 -12.73
C ASP B 213 -12.20 5.88 -13.07
N TYR B 214 -12.06 7.19 -12.83
CA TYR B 214 -10.79 7.87 -13.14
C TYR B 214 -9.71 7.43 -12.13
N ALA B 215 -10.09 7.21 -10.84
CA ALA B 215 -9.13 6.75 -9.82
C ALA B 215 -8.53 5.36 -10.21
N TYR B 216 -9.37 4.43 -10.76
CA TYR B 216 -8.91 3.10 -11.22
C TYR B 216 -8.02 3.24 -12.45
N ALA B 217 -8.42 4.12 -13.40
CA ALA B 217 -7.65 4.36 -14.61
C ALA B 217 -6.27 4.93 -14.23
N LEU B 218 -6.24 5.96 -13.35
CA LEU B 218 -5.00 6.58 -12.88
C LEU B 218 -4.11 5.55 -12.18
N ARG B 219 -4.68 4.72 -11.30
CA ARG B 219 -3.88 3.72 -10.58
C ARG B 219 -3.33 2.65 -11.56
N ALA B 220 -4.11 2.25 -12.59
CA ALA B 220 -3.69 1.32 -13.63
C ALA B 220 -2.46 1.88 -14.40
N ARG B 221 -2.51 3.20 -14.69
CA ARG B 221 -1.41 3.93 -15.34
C ARG B 221 -0.13 3.87 -14.45
N ILE B 222 -0.27 4.17 -13.14
CA ILE B 222 0.84 4.17 -12.18
C ILE B 222 1.41 2.75 -12.04
N TYR B 223 0.55 1.73 -11.90
CA TYR B 223 1.00 0.34 -11.78
C TYR B 223 1.76 -0.15 -13.02
N LEU B 224 1.30 0.25 -14.23
CA LEU B 224 2.00 -0.09 -15.47
C LEU B 224 3.40 0.54 -15.47
N ALA B 225 3.49 1.82 -15.11
CA ALA B 225 4.74 2.58 -15.01
C ALA B 225 5.69 1.89 -14.02
N LEU B 226 5.15 1.31 -12.93
CA LEU B 226 5.94 0.59 -11.95
C LEU B 226 6.30 -0.87 -12.36
N GLY B 227 5.69 -1.41 -13.42
CA GLY B 227 5.90 -2.80 -13.83
C GLY B 227 5.10 -3.78 -12.98
N GLU B 228 4.02 -3.31 -12.32
CA GLU B 228 3.11 -4.13 -11.51
C GLU B 228 1.92 -4.53 -12.41
N TYR B 229 2.20 -5.39 -13.40
CA TYR B 229 1.30 -5.82 -14.47
C TYR B 229 0.02 -6.49 -13.98
N GLY B 230 0.09 -7.36 -12.97
CA GLY B 230 -1.10 -8.00 -12.42
C GLY B 230 -2.07 -7.00 -11.82
N LYS B 231 -1.55 -6.02 -11.07
CA LYS B 231 -2.33 -4.96 -10.43
C LYS B 231 -2.83 -3.95 -11.46
N ALA B 232 -2.01 -3.60 -12.49
CA ALA B 232 -2.44 -2.70 -13.57
C ALA B 232 -3.62 -3.31 -14.35
N ALA B 233 -3.53 -4.61 -14.72
CA ALA B 233 -4.58 -5.36 -15.43
C ALA B 233 -5.91 -5.38 -14.62
N ALA B 234 -5.85 -5.61 -13.29
CA ALA B 234 -7.01 -5.66 -12.39
C ALA B 234 -7.74 -4.30 -12.31
N ASP B 235 -6.99 -3.19 -12.21
CA ASP B 235 -7.60 -1.85 -12.17
C ASP B 235 -8.17 -1.50 -13.53
N ALA B 236 -7.44 -1.81 -14.62
CA ALA B 236 -7.86 -1.55 -16.02
C ALA B 236 -9.18 -2.24 -16.34
N LYS B 237 -9.40 -3.48 -15.83
CA LYS B 237 -10.62 -4.26 -16.04
C LYS B 237 -11.84 -3.62 -15.41
N MSE B 238 -11.64 -2.80 -14.38
CA MSE B 238 -12.72 -2.09 -13.67
C MSE B 238 -13.39 -1.05 -14.56
O MSE B 238 -14.55 -0.73 -14.31
CB MSE B 238 -12.22 -1.37 -12.40
CG MSE B 238 -11.65 -2.29 -11.32
SE MSE B 238 -12.91 -3.61 -10.58
CE MSE B 238 -14.14 -2.48 -9.61
N VAL B 239 -12.67 -0.47 -15.54
CA VAL B 239 -13.24 0.64 -16.33
C VAL B 239 -13.25 0.42 -17.86
N VAL B 240 -12.41 -0.49 -18.39
CA VAL B 240 -12.19 -0.78 -19.81
C VAL B 240 -13.49 -1.02 -20.62
N ASP B 241 -14.51 -1.63 -20.02
CA ASP B 241 -15.76 -1.93 -20.72
C ASP B 241 -16.84 -0.89 -20.44
N LYS B 242 -16.54 0.14 -19.65
CA LYS B 242 -17.55 1.13 -19.23
C LYS B 242 -17.65 2.30 -20.23
N TYR B 243 -16.62 2.50 -21.06
CA TYR B 243 -16.53 3.58 -22.05
C TYR B 243 -16.37 2.96 -23.43
N PRO B 244 -17.32 3.15 -24.33
CA PRO B 244 -17.17 2.54 -25.66
C PRO B 244 -16.20 3.33 -26.53
N LEU B 245 -15.55 2.64 -27.48
CA LEU B 245 -14.65 3.26 -28.45
C LEU B 245 -15.46 4.01 -29.51
N ILE B 246 -14.85 5.04 -30.14
CA ILE B 246 -15.47 5.79 -31.21
C ILE B 246 -15.82 4.82 -32.32
N GLY B 247 -17.06 4.90 -32.79
CA GLY B 247 -17.57 4.12 -33.92
C GLY B 247 -17.54 5.00 -35.15
N ALA B 248 -16.57 4.74 -36.05
CA ALA B 248 -16.40 5.53 -37.28
C ALA B 248 -16.28 4.65 -38.54
N ALA B 249 -16.93 5.08 -39.63
CA ALA B 249 -16.88 4.37 -40.91
C ALA B 249 -15.68 4.82 -41.76
N ASP B 250 -15.20 6.06 -41.53
CA ASP B 250 -14.07 6.67 -42.23
C ASP B 250 -13.36 7.70 -41.33
N ALA B 251 -12.21 8.24 -41.80
CA ALA B 251 -11.36 9.21 -41.11
C ALA B 251 -12.10 10.51 -40.75
N SER B 252 -13.01 10.97 -41.62
CA SER B 252 -13.79 12.21 -41.41
C SER B 252 -14.71 12.09 -40.20
N GLU B 253 -15.38 10.93 -40.08
CA GLU B 253 -16.29 10.62 -38.99
C GLU B 253 -15.48 10.43 -37.70
N PHE B 254 -14.28 9.81 -37.82
CA PHE B 254 -13.39 9.64 -36.67
C PHE B 254 -12.98 11.01 -36.12
N GLU B 255 -12.50 11.91 -36.99
CA GLU B 255 -12.07 13.27 -36.62
C GLU B 255 -13.18 14.05 -35.91
N ASN B 256 -14.38 14.09 -36.50
CA ASN B 256 -15.50 14.83 -35.94
C ASN B 256 -15.89 14.34 -34.54
N ILE B 257 -15.75 13.03 -34.25
CA ILE B 257 -16.09 12.52 -32.91
C ILE B 257 -14.89 12.72 -31.99
N TYR B 258 -13.69 12.28 -32.42
CA TYR B 258 -12.48 12.37 -31.64
C TYR B 258 -12.22 13.79 -31.14
N ARG B 259 -12.28 14.77 -32.04
CA ARG B 259 -11.98 16.16 -31.72
C ARG B 259 -13.08 16.84 -30.85
N SER B 260 -14.20 16.14 -30.59
CA SER B 260 -15.31 16.69 -29.80
C SER B 260 -15.25 16.23 -28.36
N ASP B 261 -14.89 17.13 -27.44
CA ASP B 261 -14.84 16.87 -25.99
C ASP B 261 -16.20 16.36 -25.49
N ALA B 262 -17.28 17.00 -25.95
CA ALA B 262 -18.67 16.74 -25.59
C ALA B 262 -19.21 15.41 -26.09
N ASN B 263 -18.87 15.02 -27.34
CA ASN B 263 -19.40 13.83 -28.02
C ASN B 263 -18.49 12.60 -28.07
N ASN B 264 -17.21 12.71 -27.68
CA ASN B 264 -16.30 11.56 -27.70
C ASN B 264 -16.65 10.61 -26.51
N PRO B 265 -17.17 9.37 -26.78
CA PRO B 265 -17.59 8.48 -25.68
C PRO B 265 -16.46 7.83 -24.86
N GLU B 266 -15.21 8.00 -25.29
CA GLU B 266 -14.03 7.41 -24.66
C GLU B 266 -13.48 8.22 -23.46
N ILE B 267 -13.90 9.48 -23.27
CA ILE B 267 -13.35 10.32 -22.21
C ILE B 267 -13.97 9.98 -20.86
N ILE B 268 -13.08 9.69 -19.87
CA ILE B 268 -13.43 9.32 -18.49
C ILE B 268 -13.47 10.58 -17.61
N PHE B 269 -12.50 11.47 -17.76
CA PHE B 269 -12.37 12.70 -16.98
C PHE B 269 -11.71 13.76 -17.86
N ARG B 270 -12.27 14.99 -17.85
CA ARG B 270 -11.77 16.14 -18.60
C ARG B 270 -12.15 17.43 -17.87
N GLY B 271 -11.53 18.53 -18.23
CA GLY B 271 -11.77 19.83 -17.61
C GLY B 271 -12.83 20.62 -18.36
N PHE B 272 -13.66 21.41 -17.62
CA PHE B 272 -14.68 22.23 -18.27
C PHE B 272 -14.05 23.14 -19.33
N ALA B 273 -14.71 23.26 -20.47
CA ALA B 273 -14.26 24.12 -21.55
C ALA B 273 -15.45 24.59 -22.39
N SER B 274 -15.36 25.86 -22.80
CA SER B 274 -16.27 26.57 -23.65
C SER B 274 -15.43 27.56 -24.45
N ALA B 275 -16.02 28.26 -25.42
CA ALA B 275 -15.29 29.26 -26.19
C ALA B 275 -14.72 30.37 -25.29
N THR B 276 -15.42 30.73 -24.19
CA THR B 276 -15.00 31.82 -23.30
C THR B 276 -14.23 31.38 -22.04
N LEU B 277 -14.39 30.12 -21.60
CA LEU B 277 -13.71 29.67 -20.37
C LEU B 277 -13.26 28.21 -20.49
N GLY B 278 -12.02 27.95 -20.11
CA GLY B 278 -11.46 26.60 -20.12
C GLY B 278 -10.72 26.16 -21.35
N SER B 279 -10.94 26.86 -22.49
CA SER B 279 -10.30 26.64 -23.79
C SER B 279 -8.92 27.26 -23.87
N PHE B 280 -8.04 26.63 -24.64
CA PHE B 280 -6.66 27.07 -24.84
C PHE B 280 -6.11 26.48 -26.14
N THR B 281 -5.20 27.19 -26.79
CA THR B 281 -4.51 26.69 -27.99
C THR B 281 -3.38 25.78 -27.49
N ALA B 282 -3.00 24.76 -28.26
CA ALA B 282 -1.91 23.84 -27.91
C ALA B 282 -1.20 23.48 -29.22
N THR B 283 -0.59 24.52 -29.81
CA THR B 283 0.03 24.52 -31.13
C THR B 283 1.55 24.23 -31.14
N THR B 284 2.15 23.76 -30.03
CA THR B 284 3.59 23.48 -29.98
C THR B 284 4.03 22.46 -31.06
N LEU B 285 3.34 21.32 -31.14
CA LEU B 285 3.68 20.24 -32.06
C LEU B 285 3.26 20.46 -33.52
N ASN B 286 2.18 21.23 -33.78
CA ASN B 286 1.74 21.39 -35.16
C ASN B 286 2.10 22.78 -35.75
N GLY B 287 2.56 23.72 -34.91
CA GLY B 287 2.89 25.08 -35.34
C GLY B 287 1.78 25.69 -36.17
N ALA B 288 0.51 25.39 -35.80
CA ALA B 288 -0.69 25.85 -36.50
C ALA B 288 -1.08 27.27 -36.10
N ALA B 289 -1.62 28.00 -37.09
CA ALA B 289 -2.07 29.38 -36.93
C ALA B 289 -3.29 29.65 -37.82
N PRO B 290 -4.27 30.44 -37.34
CA PRO B 290 -5.44 30.75 -38.19
C PRO B 290 -5.09 31.71 -39.31
N ALA B 291 -5.70 31.46 -40.47
CA ALA B 291 -5.56 32.20 -41.71
C ALA B 291 -6.92 32.22 -42.37
N GLY B 292 -7.77 33.14 -41.91
CA GLY B 292 -9.14 33.27 -42.39
C GLY B 292 -9.96 32.09 -41.96
N LYS B 293 -10.58 31.38 -42.93
CA LYS B 293 -11.39 30.19 -42.67
C LYS B 293 -10.53 28.90 -42.81
N ASP B 294 -9.22 29.06 -43.11
CA ASP B 294 -8.25 27.98 -43.28
C ASP B 294 -7.20 28.02 -42.15
N ILE B 295 -6.28 27.03 -42.11
CA ILE B 295 -5.25 26.89 -41.08
C ILE B 295 -3.88 26.79 -41.71
N LYS B 296 -2.95 27.66 -41.30
CA LYS B 296 -1.57 27.64 -41.76
C LYS B 296 -0.78 26.74 -40.81
N TYR B 297 0.21 25.99 -41.32
CA TYR B 297 1.06 25.11 -40.51
C TYR B 297 2.53 25.42 -40.76
N ASN B 298 3.31 25.56 -39.67
CA ASN B 298 4.75 25.80 -39.72
C ASN B 298 5.36 25.18 -38.45
N PRO B 299 5.53 23.84 -38.42
CA PRO B 299 6.02 23.20 -37.19
C PRO B 299 7.52 23.36 -36.97
N SER B 300 7.95 23.30 -35.70
CA SER B 300 9.35 23.41 -35.27
C SER B 300 9.97 22.03 -35.03
N ALA B 301 9.11 20.98 -35.00
CA ALA B 301 9.48 19.58 -34.85
C ALA B 301 8.46 18.73 -35.58
N VAL B 302 8.94 17.70 -36.27
CA VAL B 302 8.10 16.78 -37.06
C VAL B 302 8.53 15.33 -36.78
N PRO B 303 7.63 14.33 -36.77
CA PRO B 303 8.09 12.96 -36.54
C PRO B 303 8.99 12.43 -37.68
N PHE B 304 9.89 11.48 -37.35
CA PHE B 304 10.78 10.79 -38.29
C PHE B 304 9.94 9.91 -39.23
N GLN B 305 10.53 9.39 -40.32
CA GLN B 305 9.75 8.55 -41.26
C GLN B 305 9.22 7.25 -40.59
N TRP B 306 9.98 6.67 -39.63
CA TRP B 306 9.58 5.42 -38.95
C TRP B 306 8.27 5.61 -38.20
N VAL B 307 8.02 6.84 -37.70
CA VAL B 307 6.80 7.15 -36.95
C VAL B 307 5.61 7.17 -37.93
N VAL B 308 5.78 7.79 -39.10
CA VAL B 308 4.79 7.91 -40.17
C VAL B 308 4.44 6.47 -40.68
N ASP B 309 5.48 5.63 -40.94
CA ASP B 309 5.36 4.26 -41.47
C ASP B 309 4.71 3.25 -40.52
N LEU B 310 4.54 3.63 -39.25
CA LEU B 310 3.92 2.83 -38.21
C LEU B 310 2.43 2.66 -38.50
N TYR B 311 1.83 3.69 -39.15
CA TYR B 311 0.42 3.73 -39.50
C TYR B 311 0.14 3.23 -40.89
N GLU B 312 -0.88 2.38 -41.00
CA GLU B 312 -1.39 1.95 -42.30
C GLU B 312 -2.10 3.15 -42.89
N ASN B 313 -2.17 3.27 -44.22
CA ASN B 313 -2.81 4.45 -44.85
C ASN B 313 -4.32 4.50 -44.53
N GLU B 314 -4.93 3.33 -44.25
CA GLU B 314 -6.33 3.07 -43.89
C GLU B 314 -6.70 3.54 -42.47
N ASP B 315 -5.68 3.58 -41.57
CA ASP B 315 -5.76 4.00 -40.16
C ASP B 315 -6.30 5.44 -40.09
N PHE B 316 -7.39 5.65 -39.34
CA PHE B 316 -8.06 6.95 -39.18
C PHE B 316 -7.15 7.98 -38.50
N ARG B 317 -6.23 7.54 -37.62
CA ARG B 317 -5.30 8.40 -36.92
C ARG B 317 -4.22 8.98 -37.86
N LYS B 318 -4.05 8.40 -39.09
CA LYS B 318 -3.05 8.88 -40.05
C LYS B 318 -3.44 10.24 -40.70
N SER B 319 -4.66 10.74 -40.44
CA SER B 319 -5.13 12.05 -40.92
C SER B 319 -5.70 12.89 -39.75
N VAL B 320 -5.66 12.34 -38.51
CA VAL B 320 -6.14 13.01 -37.30
C VAL B 320 -4.97 13.26 -36.32
N TYR B 321 -4.38 12.19 -35.74
CA TYR B 321 -3.27 12.21 -34.76
C TYR B 321 -2.02 12.80 -35.41
N ILE B 322 -1.74 12.38 -36.65
CA ILE B 322 -0.71 12.92 -37.56
C ILE B 322 -1.46 13.30 -38.82
N ALA B 323 -0.98 14.30 -39.57
CA ALA B 323 -1.65 14.77 -40.79
C ALA B 323 -0.61 15.24 -41.83
N LYS B 324 -0.80 14.85 -43.12
CA LYS B 324 0.11 15.21 -44.21
C LYS B 324 -0.16 16.66 -44.65
N VAL B 325 0.13 17.62 -43.73
CA VAL B 325 -0.14 19.04 -43.90
C VAL B 325 1.14 19.93 -43.95
N VAL B 326 2.34 19.35 -43.71
CA VAL B 326 3.60 20.11 -43.72
C VAL B 326 3.94 20.47 -45.17
N LYS B 327 4.10 21.80 -45.44
CA LYS B 327 4.39 22.38 -46.76
C LYS B 327 3.30 21.94 -47.75
N LYS B 328 2.04 22.17 -47.32
CA LYS B 328 0.78 21.86 -47.99
C LYS B 328 0.47 20.37 -47.90
N ASP B 329 1.31 19.52 -48.53
CA ASP B 329 1.08 18.07 -48.58
C ASP B 329 2.38 17.21 -48.74
N LYS B 330 3.57 17.71 -48.36
CA LYS B 330 4.80 16.93 -48.59
C LYS B 330 5.32 16.17 -47.34
N GLY B 331 4.72 16.44 -46.19
CA GLY B 331 5.12 15.78 -44.94
C GLY B 331 4.05 15.78 -43.87
N TYR B 332 4.29 14.94 -42.84
CA TYR B 332 3.40 14.70 -41.70
C TYR B 332 3.79 15.48 -40.47
N LEU B 333 2.73 15.92 -39.80
CA LEU B 333 2.68 16.76 -38.62
C LEU B 333 1.79 16.16 -37.54
N VAL B 334 2.18 16.28 -36.24
CA VAL B 334 1.34 15.77 -35.13
C VAL B 334 0.21 16.79 -34.88
N ASN B 335 -1.00 16.47 -35.41
CA ASN B 335 -2.18 17.33 -35.36
C ASN B 335 -3.27 16.85 -34.35
N LYS B 336 -2.88 16.12 -33.27
CA LYS B 336 -3.84 15.65 -32.25
C LYS B 336 -4.61 16.81 -31.55
N PHE B 337 -3.92 17.91 -31.25
CA PHE B 337 -4.43 19.05 -30.48
C PHE B 337 -4.79 20.24 -31.40
N LEU B 338 -5.24 19.93 -32.61
CA LEU B 338 -5.63 20.92 -33.61
C LEU B 338 -6.73 21.87 -33.09
N GLU B 339 -7.89 21.32 -32.69
CA GLU B 339 -9.06 22.11 -32.24
C GLU B 339 -10.25 21.24 -31.84
N ASP B 340 -11.18 21.87 -31.12
CA ASP B 340 -12.54 21.44 -30.83
C ASP B 340 -13.34 22.61 -31.33
N LYS B 341 -14.04 22.41 -32.46
CA LYS B 341 -14.82 23.43 -33.18
C LYS B 341 -15.94 24.04 -32.32
N ALA B 342 -16.34 23.35 -31.22
CA ALA B 342 -17.33 23.86 -30.29
C ALA B 342 -16.78 25.08 -29.51
N TYR B 343 -15.44 25.27 -29.52
CA TYR B 343 -14.80 26.38 -28.80
C TYR B 343 -14.41 27.53 -29.75
N ARG B 344 -14.96 27.54 -30.97
CA ARG B 344 -14.76 28.61 -31.92
C ARG B 344 -15.61 29.80 -31.54
N ASP B 345 -15.08 31.01 -31.74
CA ASP B 345 -15.79 32.27 -31.49
C ASP B 345 -16.78 32.49 -32.61
N VAL B 346 -16.36 32.17 -33.85
CA VAL B 346 -17.15 32.22 -35.09
C VAL B 346 -17.16 30.80 -35.66
N GLN B 347 -18.33 30.30 -36.11
CA GLN B 347 -18.55 28.95 -36.64
C GLN B 347 -17.54 28.52 -37.75
N ASP B 348 -17.27 29.40 -38.73
CA ASP B 348 -16.38 29.09 -39.86
C ASP B 348 -14.95 29.58 -39.66
N LYS B 349 -14.63 30.20 -38.50
CA LYS B 349 -13.30 30.75 -38.25
C LYS B 349 -12.50 29.92 -37.22
N PRO B 350 -11.42 29.22 -37.66
CA PRO B 350 -10.62 28.44 -36.71
C PRO B 350 -9.84 29.30 -35.72
N ASN B 351 -9.92 28.96 -34.43
CA ASN B 351 -9.20 29.67 -33.36
C ASN B 351 -8.26 28.69 -32.63
N LEU B 352 -8.31 27.41 -33.04
CA LEU B 352 -7.47 26.27 -32.61
C LEU B 352 -7.47 26.05 -31.10
N LYS B 353 -8.64 26.20 -30.47
CA LYS B 353 -8.82 26.01 -29.04
C LYS B 353 -9.30 24.59 -28.73
N VAL B 354 -8.63 23.95 -27.75
CA VAL B 354 -8.93 22.60 -27.25
C VAL B 354 -9.20 22.66 -25.75
N GLY B 355 -9.69 21.55 -25.21
CA GLY B 355 -9.93 21.39 -23.79
C GLY B 355 -8.92 20.42 -23.21
N ALA B 356 -8.80 20.41 -21.87
CA ALA B 356 -7.88 19.51 -21.18
C ALA B 356 -8.57 18.18 -20.87
N ARG B 357 -8.08 17.07 -21.46
CA ARG B 357 -8.57 15.70 -21.26
C ARG B 357 -7.63 15.02 -20.27
N TYR B 358 -8.17 14.34 -19.23
CA TYR B 358 -7.33 13.75 -18.18
C TYR B 358 -7.17 12.20 -18.28
N PHE B 359 -8.16 11.51 -18.85
CA PHE B 359 -8.09 10.09 -19.13
C PHE B 359 -9.14 9.70 -20.16
N SER B 360 -8.74 8.84 -21.11
CA SER B 360 -9.58 8.29 -22.18
C SER B 360 -9.41 6.76 -22.18
N VAL B 361 -10.46 6.01 -22.57
CA VAL B 361 -10.47 4.55 -22.46
C VAL B 361 -9.40 3.83 -23.36
N ALA B 362 -8.94 4.45 -24.48
CA ALA B 362 -7.91 3.83 -25.32
C ALA B 362 -6.61 3.59 -24.53
N GLU B 363 -6.27 4.48 -23.57
CA GLU B 363 -5.09 4.29 -22.71
C GLU B 363 -5.30 3.08 -21.76
N VAL B 364 -6.55 2.91 -21.24
CA VAL B 364 -6.93 1.77 -20.39
C VAL B 364 -6.82 0.46 -21.20
N TYR B 365 -7.28 0.45 -22.49
CA TYR B 365 -7.16 -0.73 -23.37
C TYR B 365 -5.70 -1.18 -23.48
N LEU B 366 -4.80 -0.20 -23.70
CA LEU B 366 -3.35 -0.40 -23.88
C LEU B 366 -2.69 -0.90 -22.58
N ILE B 367 -3.06 -0.33 -21.41
CA ILE B 367 -2.54 -0.77 -20.11
C ILE B 367 -2.90 -2.26 -19.93
N LEU B 368 -4.18 -2.58 -20.20
CA LEU B 368 -4.71 -3.95 -20.13
C LEU B 368 -3.96 -4.92 -21.07
N VAL B 369 -3.75 -4.55 -22.36
CA VAL B 369 -3.09 -5.43 -23.34
C VAL B 369 -1.67 -5.76 -22.91
N GLU B 370 -0.86 -4.71 -22.57
CA GLU B 370 0.53 -4.82 -22.12
C GLU B 370 0.63 -5.73 -20.90
N SER B 371 -0.20 -5.46 -19.89
CA SER B 371 -0.24 -6.18 -18.62
C SER B 371 -0.69 -7.62 -18.81
N ALA B 372 -1.61 -7.90 -19.76
CA ALA B 372 -2.10 -9.25 -20.10
C ALA B 372 -0.99 -10.04 -20.79
N LEU B 373 -0.23 -9.40 -21.68
CA LEU B 373 0.88 -10.06 -22.36
C LEU B 373 1.95 -10.46 -21.36
N GLN B 374 2.20 -9.59 -20.36
CA GLN B 374 3.18 -9.83 -19.31
C GLN B 374 2.75 -10.93 -18.34
N THR B 375 1.46 -11.05 -18.03
CA THR B 375 0.96 -12.06 -17.09
C THR B 375 0.49 -13.36 -17.80
N GLY B 376 0.71 -13.46 -19.10
CA GLY B 376 0.36 -14.62 -19.90
C GLY B 376 -1.13 -14.80 -20.19
N ASP B 377 -1.90 -13.71 -20.11
CA ASP B 377 -3.32 -13.77 -20.43
C ASP B 377 -3.50 -13.34 -21.90
N THR B 378 -3.19 -14.26 -22.82
CA THR B 378 -3.25 -14.07 -24.28
C THR B 378 -4.70 -13.77 -24.75
N PRO B 379 -5.79 -14.47 -24.31
CA PRO B 379 -7.12 -14.11 -24.79
C PRO B 379 -7.49 -12.64 -24.53
N THR B 380 -7.12 -12.07 -23.36
CA THR B 380 -7.41 -10.67 -23.00
C THR B 380 -6.64 -9.69 -23.91
N ALA B 381 -5.32 -9.95 -24.11
CA ALA B 381 -4.45 -9.13 -24.95
C ALA B 381 -4.99 -9.09 -26.38
N GLU B 382 -5.37 -10.26 -26.93
CA GLU B 382 -5.94 -10.44 -28.28
C GLU B 382 -7.28 -9.71 -28.43
N LYS B 383 -8.21 -9.86 -27.46
CA LYS B 383 -9.52 -9.22 -27.50
C LYS B 383 -9.42 -7.68 -27.58
N TYR B 384 -8.67 -7.06 -26.66
CA TYR B 384 -8.60 -5.62 -26.56
C TYR B 384 -7.65 -4.98 -27.58
N LEU B 385 -6.58 -5.67 -28.01
CA LEU B 385 -5.71 -5.06 -29.01
C LEU B 385 -6.36 -5.11 -30.40
N LYS B 386 -7.04 -6.23 -30.73
CA LYS B 386 -7.80 -6.37 -31.98
C LYS B 386 -8.96 -5.37 -32.00
N ALA B 387 -9.65 -5.15 -30.84
CA ALA B 387 -10.80 -4.23 -30.76
C ALA B 387 -10.39 -2.77 -30.98
N LEU B 388 -9.35 -2.26 -30.28
CA LEU B 388 -8.91 -0.88 -30.42
C LEU B 388 -8.43 -0.59 -31.85
N SER B 389 -7.51 -1.42 -32.39
CA SER B 389 -6.91 -1.20 -33.72
C SER B 389 -7.95 -1.27 -34.83
N LYS B 390 -8.97 -2.13 -34.68
CA LYS B 390 -10.05 -2.28 -35.66
C LYS B 390 -10.91 -1.01 -35.71
N ALA B 391 -11.29 -0.48 -34.52
CA ALA B 391 -12.09 0.75 -34.37
C ALA B 391 -11.35 1.94 -34.99
N ARG B 392 -10.00 1.90 -34.99
CA ARG B 392 -9.13 2.93 -35.56
C ARG B 392 -8.95 2.77 -37.09
N GLY B 393 -9.58 1.74 -37.67
CA GLY B 393 -9.56 1.48 -39.11
C GLY B 393 -8.39 0.66 -39.63
N ALA B 394 -7.60 0.05 -38.72
CA ALA B 394 -6.44 -0.74 -39.11
C ALA B 394 -6.15 -1.81 -38.06
N GLU B 395 -6.90 -2.92 -38.11
CA GLU B 395 -6.78 -4.04 -37.18
C GLU B 395 -5.41 -4.71 -37.27
N VAL B 396 -4.81 -4.98 -36.10
CA VAL B 396 -3.55 -5.68 -35.92
C VAL B 396 -3.80 -7.17 -36.27
N SER B 397 -2.90 -7.82 -37.03
CA SER B 397 -3.11 -9.23 -37.36
C SER B 397 -2.44 -10.16 -36.32
N VAL B 398 -1.22 -9.84 -35.87
CA VAL B 398 -0.50 -10.67 -34.89
C VAL B 398 -0.40 -9.92 -33.56
N VAL B 399 -1.07 -10.43 -32.53
CA VAL B 399 -1.05 -9.82 -31.20
C VAL B 399 0.15 -10.35 -30.41
N ASN B 400 1.12 -9.47 -30.12
CA ASN B 400 2.33 -9.77 -29.33
C ASN B 400 2.86 -8.48 -28.73
N MSE B 401 3.98 -8.53 -27.96
CA MSE B 401 4.56 -7.34 -27.33
C MSE B 401 4.95 -6.26 -28.35
O MSE B 401 4.77 -5.08 -28.06
CB MSE B 401 5.76 -7.69 -26.45
CG MSE B 401 5.42 -7.71 -24.95
SE MSE B 401 4.75 -5.97 -24.20
CE MSE B 401 6.48 -5.01 -24.19
N GLU B 402 5.43 -6.67 -29.54
CA GLU B 402 5.87 -5.79 -30.65
C GLU B 402 4.69 -4.97 -31.19
N ALA B 403 3.53 -5.63 -31.40
CA ALA B 403 2.28 -5.03 -31.87
C ALA B 403 1.70 -4.06 -30.82
N LEU B 404 1.83 -4.39 -29.52
CA LEU B 404 1.38 -3.53 -28.42
C LEU B 404 2.21 -2.26 -28.43
N GLN B 405 3.54 -2.40 -28.48
CA GLN B 405 4.51 -1.29 -28.53
C GLN B 405 4.20 -0.35 -29.69
N ALA B 406 3.91 -0.89 -30.88
CA ALA B 406 3.59 -0.11 -32.08
C ALA B 406 2.23 0.60 -31.97
N GLU B 407 1.16 -0.11 -31.53
CA GLU B 407 -0.20 0.41 -31.37
C GLU B 407 -0.28 1.47 -30.26
N ARG B 408 0.46 1.25 -29.16
CA ARG B 408 0.55 2.21 -28.04
C ARG B 408 1.15 3.53 -28.52
N THR B 409 2.23 3.45 -29.32
CA THR B 409 2.94 4.59 -29.91
C THR B 409 2.01 5.31 -30.90
N ARG B 410 1.31 4.55 -31.76
CA ARG B 410 0.29 5.07 -32.70
C ARG B 410 -0.82 5.87 -31.97
N GLU B 411 -1.33 5.32 -30.86
CA GLU B 411 -2.44 5.90 -30.12
C GLU B 411 -2.06 7.07 -29.22
N LEU B 412 -0.93 6.99 -28.50
CA LEU B 412 -0.62 8.01 -27.50
C LEU B 412 0.37 9.07 -27.99
N ILE B 413 0.57 9.18 -29.33
CA ILE B 413 1.45 10.21 -29.91
C ILE B 413 0.91 11.60 -29.49
N GLY B 414 1.84 12.49 -29.09
CA GLY B 414 1.55 13.85 -28.62
C GLY B 414 1.23 14.00 -27.14
N GLU B 415 0.97 12.86 -26.45
CA GLU B 415 0.53 12.82 -25.05
C GLU B 415 1.67 12.59 -24.02
N GLY B 416 2.93 12.52 -24.47
CA GLY B 416 4.10 12.35 -23.62
C GLY B 416 4.17 11.00 -22.91
N SER B 417 3.97 9.92 -23.67
CA SER B 417 4.03 8.55 -23.16
C SER B 417 5.31 7.83 -23.57
N ARG B 418 5.82 8.13 -24.80
CA ARG B 418 6.95 7.49 -25.47
C ARG B 418 8.24 7.49 -24.64
N LEU B 419 8.63 8.63 -24.02
CA LEU B 419 9.85 8.65 -23.20
C LEU B 419 9.78 7.60 -22.10
N ARG B 420 8.63 7.51 -21.40
CA ARG B 420 8.38 6.53 -20.34
C ARG B 420 8.43 5.11 -20.90
N ASP B 421 7.77 4.87 -22.03
CA ASP B 421 7.66 3.59 -22.72
C ASP B 421 9.03 3.06 -23.17
N MSE B 422 9.89 3.93 -23.73
CA MSE B 422 11.25 3.55 -24.14
C MSE B 422 12.05 2.96 -22.97
O MSE B 422 12.76 1.96 -23.14
CB MSE B 422 12.03 4.76 -24.67
CG MSE B 422 11.57 5.31 -25.99
SE MSE B 422 12.46 7.04 -26.22
CE MSE B 422 14.28 6.43 -26.69
N VAL B 423 11.94 3.59 -21.78
CA VAL B 423 12.63 3.19 -20.56
C VAL B 423 12.08 1.85 -20.05
N ARG B 424 10.75 1.67 -20.04
CA ARG B 424 10.14 0.42 -19.58
C ARG B 424 10.45 -0.71 -20.58
N TRP B 425 10.64 -0.39 -21.86
CA TRP B 425 10.85 -1.41 -22.89
C TRP B 425 12.32 -1.59 -23.29
N SER B 426 13.27 -0.97 -22.53
CA SER B 426 14.73 -1.01 -22.77
C SER B 426 15.07 -0.62 -24.22
N ILE B 427 14.52 0.51 -24.66
CA ILE B 427 14.75 1.03 -26.01
C ILE B 427 15.67 2.24 -25.90
N PRO B 428 16.93 2.17 -26.41
CA PRO B 428 17.80 3.36 -26.38
C PRO B 428 17.37 4.37 -27.46
N ASN B 429 17.86 5.62 -27.37
CA ASN B 429 17.52 6.62 -28.37
C ASN B 429 18.42 6.48 -29.60
N ASN B 430 17.85 5.92 -30.70
CA ASN B 430 18.55 5.65 -31.96
C ASN B 430 18.34 6.75 -33.00
N HIS B 431 17.96 7.97 -32.54
CA HIS B 431 17.75 9.23 -33.27
C HIS B 431 18.71 9.41 -34.46
N ASP B 432 20.04 9.28 -34.22
CA ASP B 432 21.09 9.48 -35.23
C ASP B 432 20.98 8.56 -36.44
N ALA B 433 20.34 7.38 -36.29
CA ALA B 433 20.20 6.40 -37.36
C ALA B 433 18.90 6.53 -38.15
N PHE B 434 17.91 7.25 -37.61
CA PHE B 434 16.60 7.36 -38.23
C PHE B 434 16.57 8.27 -39.44
N GLU B 435 15.83 7.82 -40.47
CA GLU B 435 15.60 8.52 -41.73
C GLU B 435 14.52 9.57 -41.51
N THR B 436 14.79 10.80 -41.96
CA THR B 436 13.83 11.90 -41.86
C THR B 436 12.86 11.77 -43.05
N GLN B 437 11.67 12.36 -42.95
CA GLN B 437 10.67 12.31 -44.02
C GLN B 437 11.27 12.84 -45.34
N PRO B 438 11.31 12.01 -46.41
CA PRO B 438 11.96 12.43 -47.68
C PRO B 438 11.41 13.71 -48.33
N GLY B 439 10.11 13.96 -48.24
CA GLY B 439 9.48 15.16 -48.79
C GLY B 439 9.74 16.42 -48.00
N LEU B 440 10.41 16.29 -46.82
CA LEU B 440 10.74 17.39 -45.93
C LEU B 440 12.25 17.75 -45.94
N GLU B 441 12.95 17.35 -47.02
CA GLU B 441 14.36 17.63 -47.25
C GLU B 441 14.54 19.14 -47.37
N GLY B 442 15.45 19.68 -46.56
CA GLY B 442 15.69 21.11 -46.50
C GLY B 442 14.88 21.83 -45.44
N PHE B 443 13.89 21.15 -44.86
CA PHE B 443 13.03 21.71 -43.81
C PHE B 443 13.34 20.98 -42.51
N ALA B 444 13.26 19.64 -42.55
CA ALA B 444 13.60 18.76 -41.45
C ALA B 444 15.12 18.79 -41.23
N ASN B 445 15.55 18.89 -39.96
CA ASN B 445 16.97 18.94 -39.61
C ASN B 445 17.52 17.53 -39.43
N THR B 446 18.76 17.32 -39.84
CA THR B 446 19.46 16.04 -39.71
C THR B 446 20.52 16.21 -38.59
N THR B 447 20.15 16.93 -37.52
CA THR B 447 21.03 17.22 -36.38
C THR B 447 21.22 15.99 -35.48
N PRO B 448 22.48 15.57 -35.21
CA PRO B 448 22.68 14.44 -34.29
C PRO B 448 22.50 14.84 -32.84
N LEU B 449 22.25 13.85 -31.96
CA LEU B 449 22.13 14.06 -30.52
C LEU B 449 23.41 14.71 -29.98
N LYS B 450 23.25 15.71 -29.08
CA LYS B 450 24.34 16.41 -28.43
C LYS B 450 24.99 15.45 -27.41
N ALA B 451 24.16 14.58 -26.81
CA ALA B 451 24.55 13.51 -25.91
C ALA B 451 23.72 12.27 -26.24
N GLN B 452 24.38 11.11 -26.35
CA GLN B 452 23.70 9.85 -26.61
C GLN B 452 22.85 9.48 -25.39
N ALA B 453 21.73 8.77 -25.62
CA ALA B 453 20.84 8.34 -24.54
C ALA B 453 20.71 6.81 -24.53
N PRO B 454 21.74 6.06 -24.05
CA PRO B 454 21.61 4.59 -24.04
C PRO B 454 20.66 4.10 -22.94
N VAL B 455 20.31 2.79 -22.94
CA VAL B 455 19.47 2.19 -21.91
C VAL B 455 20.09 2.51 -20.53
N GLY B 456 19.28 3.07 -19.63
CA GLY B 456 19.67 3.41 -18.28
C GLY B 456 20.35 4.75 -18.10
N PHE B 457 20.45 5.56 -19.18
CA PHE B 457 21.08 6.89 -19.08
C PHE B 457 20.28 7.77 -18.12
N TYR B 458 20.97 8.48 -17.22
CA TYR B 458 20.34 9.29 -16.20
C TYR B 458 19.41 10.40 -16.74
N ALA B 459 19.74 11.03 -17.90
CA ALA B 459 19.01 12.19 -18.40
C ALA B 459 17.60 11.89 -18.89
N TYR B 460 17.16 10.61 -18.82
CA TYR B 460 15.77 10.21 -19.07
C TYR B 460 14.90 10.79 -17.95
N THR B 461 15.52 11.08 -16.79
CA THR B 461 14.95 11.72 -15.61
C THR B 461 15.49 13.15 -15.59
N TRP B 462 14.62 14.11 -15.25
CA TRP B 462 15.01 15.52 -15.21
C TRP B 462 15.70 15.87 -13.89
N GLU B 463 16.51 16.92 -13.92
CA GLU B 463 17.15 17.44 -12.75
C GLU B 463 16.18 18.40 -12.07
N PHE B 464 16.24 18.50 -10.72
CA PHE B 464 15.41 19.41 -9.93
C PHE B 464 15.73 20.85 -10.33
N PRO B 465 14.75 21.79 -10.44
CA PRO B 465 15.10 23.15 -10.87
C PRO B 465 16.22 23.78 -10.03
N GLN B 466 17.07 24.60 -10.68
CA GLN B 466 18.24 25.24 -10.08
C GLN B 466 17.91 26.12 -8.84
N ARG B 467 16.84 26.95 -8.89
CA ARG B 467 16.46 27.81 -7.78
C ARG B 467 16.20 26.95 -6.53
N ASP B 468 15.43 25.86 -6.69
CA ASP B 468 15.08 24.95 -5.61
C ASP B 468 16.32 24.30 -5.00
N ARG B 469 17.29 23.90 -5.84
CA ARG B 469 18.54 23.29 -5.41
C ARG B 469 19.39 24.30 -4.63
N GLN B 470 19.33 25.60 -5.02
CA GLN B 470 20.08 26.70 -4.39
C GLN B 470 19.49 27.13 -3.04
N THR B 471 18.14 27.12 -2.90
CA THR B 471 17.47 27.56 -1.67
C THR B 471 17.21 26.42 -0.66
N ASN B 472 17.29 25.15 -1.11
CA ASN B 472 17.08 23.99 -0.25
C ASN B 472 18.36 23.13 -0.20
N PRO B 473 19.21 23.32 0.84
CA PRO B 473 20.47 22.54 0.92
C PRO B 473 20.25 21.06 1.24
N GLN B 474 19.04 20.68 1.68
CA GLN B 474 18.70 19.31 2.01
C GLN B 474 18.28 18.52 0.77
N LEU B 475 18.02 19.23 -0.36
CA LEU B 475 17.61 18.60 -1.61
C LEU B 475 18.81 17.98 -2.34
N ILE B 476 18.81 16.64 -2.49
CA ILE B 476 19.86 15.91 -3.21
C ILE B 476 19.50 15.91 -4.71
N LYS B 477 20.43 16.42 -5.55
CA LYS B 477 20.28 16.49 -7.01
C LYS B 477 20.34 15.09 -7.63
N ASN B 478 19.82 14.95 -8.86
CA ASN B 478 19.75 13.67 -9.57
C ASN B 478 20.96 13.38 -10.46
N TRP B 479 21.45 14.39 -11.20
CA TRP B 479 22.47 14.25 -12.22
C TRP B 479 23.90 14.21 -11.71
N PRO B 480 24.73 13.27 -12.23
CA PRO B 480 26.14 13.22 -11.81
C PRO B 480 26.97 14.23 -12.61
N ILE B 481 28.32 14.20 -12.42
CA ILE B 481 29.37 15.03 -13.07
C ILE B 481 29.38 16.42 -12.41
C2 3DO C . -8.88 6.34 5.73
C3 3DO C . -8.30 7.76 5.91
C4 3DO C . -9.27 8.84 6.42
C5 3DO C . -10.12 8.30 7.57
C6 3DO C . -11.11 9.29 8.18
O1 3DO C . -10.73 4.85 6.42
O6 3DO C . -11.05 9.19 9.60
O5 3DO C . -10.79 7.11 7.11
O4 3DO C . -8.60 10.06 6.79
O2 3DO C . -7.81 5.36 5.85
C1 3DO C . -9.96 5.99 6.78
O1 TG6 D . -6.98 -22.03 30.68
O1 TG6 D . -6.77 -22.15 30.92
C1 TG6 D . -7.29 -22.75 31.88
C1 TG6 D . -7.41 -22.61 32.12
C2 TG6 D . -6.30 -22.42 32.96
C2 TG6 D . -6.44 -22.73 33.28
C3 TG6 D . -6.31 -23.23 34.26
C3 TG6 D . -6.84 -23.60 34.45
C4 TG6 D . -5.14 -23.02 35.23
C4 TG6 D . -5.89 -23.64 35.67
C5 TG6 D . -5.52 -23.26 36.70
C5 TG6 D . -5.79 -22.35 36.50
C6 TG6 D . -4.25 -23.62 37.49
C6 TG6 D . -7.09 -21.93 37.19
O63 TG6 D . -1.96 -23.53 39.53
O63 TG6 D . -8.60 -23.35 40.39
P6 TG6 D . -3.02 -22.45 39.56
P6 TG6 D . -8.84 -22.89 38.98
O61 TG6 D . -2.70 -21.23 38.72
O61 TG6 D . -9.53 -21.55 38.93
O62 TG6 D . -3.53 -22.13 40.96
O62 TG6 D . -9.43 -23.90 38.04
O6 TG6 D . -4.29 -23.12 38.84
O6 TG6 D . -7.34 -22.66 38.40
O5 TG6 D . -6.20 -22.10 37.22
O5 TG6 D . -4.72 -22.45 37.45
O4 TG6 D . -4.59 -21.69 35.14
O4 TG6 D . -4.59 -24.04 35.24
O3 TG6 D . -6.41 -24.64 33.97
O3 TG6 D . -7.07 -24.95 34.01
O2 TG6 D . -5.52 -21.50 32.75
O2 TG6 D . -5.39 -22.10 33.25
C1 GOL E . 13.28 -18.64 35.28
O1 GOL E . 12.47 -17.77 36.06
C2 GOL E . 14.71 -18.15 35.20
O2 GOL E . 15.35 -18.34 36.47
C3 GOL E . 15.49 -18.87 34.13
O3 GOL E . 16.78 -18.29 33.95
C1 GOL F . -26.00 -1.92 15.20
O1 GOL F . -27.01 -2.84 15.61
C2 GOL F . -24.81 -2.63 14.61
O2 GOL F . -25.11 -3.13 13.30
C3 GOL F . -23.57 -1.75 14.57
O3 GOL F . -23.86 -0.40 14.24
C ACT G . -27.41 -4.93 18.87
O ACT G . -27.25 -6.09 18.36
OXT ACT G . -27.43 -3.85 18.20
CH3 ACT G . -27.57 -4.83 20.42
C ACT H . -3.89 -11.35 43.84
O ACT H . -4.57 -10.29 44.02
OXT ACT H . -3.13 -11.59 42.85
CH3 ACT H . -3.99 -12.45 44.93
O3X RP3 I . 1.02 8.40 4.76
P' RP3 I . -0.10 7.49 4.35
O1X RP3 I . -0.40 7.44 2.88
O2X RP3 I . -1.27 7.61 5.26
O5 RP3 I . 0.43 5.99 4.63
C5 RP3 I . -0.52 4.94 4.81
C4 RP3 I . 0.14 3.69 4.29
O4 RP3 I . 1.23 3.33 5.12
C3 RP3 I . -0.74 2.45 4.13
C2 RP3 I . 0.07 1.35 4.80
O2 RP3 I . 0.20 0.23 3.97
C1 RP3 I . 1.44 1.93 4.93
O1 RP3 I . 2.03 1.34 6.08
C1 GOL J . -22.11 6.62 -16.64
O1 GOL J . -21.32 7.59 -17.33
C2 GOL J . -21.45 6.15 -15.36
O2 GOL J . -22.32 5.29 -14.63
C3 GOL J . -20.12 5.46 -15.62
O3 GOL J . -19.41 5.27 -14.40
#